data_4X7R
#
_entry.id   4X7R
#
_cell.length_a   43.470
_cell.length_b   92.140
_cell.length_c   96.110
_cell.angle_alpha   65.890
_cell.angle_beta   83.660
_cell.angle_gamma   84.120
#
_symmetry.space_group_name_H-M   'P 1'
#
loop_
_entity.id
_entity.type
_entity.pdbx_description
1 polymer TarM
2 branched '2-deoxy-6-O-sulfo-2-(sulfoamino)-alpha-D-glucopyranose-(1-4)-beta-D-glucopyranuronic acid-(1-4)-2-deoxy-3,6-di-O-sulfo-2-(sulfoamino)-alpha-D-glucopyranose-(1-4)-2-O-sulfo-alpha-L-idopyranuronic acid-(1-4)-methyl 2-deoxy-6-O-sulfo-2-(sulfoamino)-alpha-D-glucopyranoside'
3 non-polymer "URIDINE-5'-DIPHOSPHATE"
4 non-polymer '(2S)-2,3-dihydroxypropyl 2-acetamido-2-deoxy-alpha-D-glucopyranoside'
5 water water
#
_entity_poly.entity_id   1
_entity_poly.type   'polypeptide(L)'
_entity_poly.pdbx_seq_one_letter_code
;MKKIFMMVHELDVNKGGMTSSMFNRSKEFYDADIPADIVTFDYKGNYDEIIKALKKQGKMDRRTKMYNVFEYFKQISNNK
HFKSNKLLYKHISERLKNTIEIEESKGISRYFDITTRTYIAYIRKSKSEKVIDFFKDNKRIERFSFIDNKVHMKETFNVD
NKVCYQVFYDEKGYPYISRNINANNGAVGKTYVLVNKKEFKNNLALCVYYLEKLIKDSKDSIMICDGPGSFPKMFNTNHK
NAQKYGVIHVNHHENFDDTGAFKKSEKYIIENANKINGVIVLTEAQRLDILNQFDVENIFTISNFVKIHNAPKHFQTEKI
VGHISRMVPTKRIDLLIEVAELVVKKDNAVKFHIYGEGSVKDKIAKMIEDKNLERNVFLKGYTTTPQKCLEDFKLVVSTS
QYEGQGLSMIEAMISKRPVVAFDIKYGPSDFIEDNKNGYLIENHNINDMADKILQLVNNDVLAAEFGSKARENIIEKYST
ESILEKWLNLFNS
;
_entity_poly.pdbx_strand_id   A,B
#
loop_
_chem_comp.id
_chem_comp.type
_chem_comp.name
_chem_comp.formula
3YW D-saccharide '(2S)-2,3-dihydroxypropyl 2-acetamido-2-deoxy-alpha-D-glucopyranoside' 'C11 H21 N O8'
BDP D-saccharide, beta linking 'beta-D-glucopyranuronic acid' 'C6 H10 O7'
IDS L-saccharide, alpha linking '2-O-sulfo-alpha-L-idopyranuronic acid' 'C6 H10 O10 S'
SGN D-saccharide, alpha linking 2-deoxy-6-O-sulfo-2-(sulfoamino)-alpha-D-glucopyranose 'C6 H13 N O11 S2'
SUS D-saccharide, alpha linking 2-deoxy-3,6-di-O-sulfo-2-(sulfoamino)-alpha-D-glucopyranose 'C6 H13 N O14 S3'
UDP RNA linking URIDINE-5'-DIPHOSPHATE 'C9 H14 N2 O12 P2'
ZDO D-saccharide 'methyl 2-deoxy-6-O-sulfo-2-(sulfoamino)-alpha-D-glucopyranoside' 'C7 H15 N O11 S2'
#
# COMPACT_ATOMS: atom_id res chain seq x y z
N MET A 1 50.77 0.33 4.15
CA MET A 1 51.67 0.20 3.01
C MET A 1 50.83 -0.01 1.71
N LYS A 2 50.41 -1.27 1.42
CA LYS A 2 49.57 -1.55 0.25
C LYS A 2 48.22 -0.86 0.36
N LYS A 3 47.75 -0.29 -0.74
CA LYS A 3 46.43 0.32 -0.87
C LYS A 3 45.88 -0.02 -2.23
N ILE A 4 44.60 -0.39 -2.26
CA ILE A 4 43.88 -0.84 -3.43
C ILE A 4 42.76 0.12 -3.84
N PHE A 5 42.64 0.36 -5.17
CA PHE A 5 41.63 1.20 -5.80
C PHE A 5 40.95 0.37 -6.86
N MET A 6 39.68 0.14 -6.67
CA MET A 6 38.86 -0.75 -7.48
C MET A 6 37.88 0.04 -8.27
N MET A 7 38.02 0.01 -9.58
CA MET A 7 37.31 0.85 -10.52
C MET A 7 36.13 0.26 -11.20
N VAL A 8 35.06 1.03 -11.18
CA VAL A 8 33.78 0.69 -11.80
C VAL A 8 33.11 2.00 -12.27
N HIS A 9 32.17 1.91 -13.21
CA HIS A 9 31.44 3.07 -13.70
C HIS A 9 30.78 3.86 -12.55
N GLU A 10 29.93 3.19 -11.76
CA GLU A 10 29.14 3.80 -10.68
C GLU A 10 28.80 2.79 -9.62
N LEU A 11 28.26 3.29 -8.49
CA LEU A 11 27.70 2.53 -7.38
C LEU A 11 26.27 3.00 -7.23
N ASP A 12 25.36 2.06 -7.00
CA ASP A 12 23.95 2.32 -6.76
C ASP A 12 23.34 1.21 -5.91
N VAL A 13 22.13 1.46 -5.39
CA VAL A 13 21.38 0.58 -4.47
C VAL A 13 20.69 -0.67 -5.05
N ASN A 14 20.40 -0.73 -6.34
CA ASN A 14 19.71 -1.98 -6.70
C ASN A 14 20.49 -2.77 -7.77
N LYS A 15 21.79 -3.01 -7.49
CA LYS A 15 22.72 -3.67 -8.43
C LYS A 15 22.91 -5.18 -8.21
N GLY A 16 23.63 -5.79 -9.16
CA GLY A 16 23.92 -7.21 -9.20
C GLY A 16 25.29 -7.61 -8.68
N GLY A 17 25.81 -8.69 -9.25
CA GLY A 17 27.02 -9.37 -8.79
C GLY A 17 28.33 -8.64 -8.86
N MET A 18 28.55 -7.80 -9.88
CA MET A 18 29.84 -7.12 -10.00
C MET A 18 30.13 -6.22 -8.84
N THR A 19 29.16 -5.36 -8.44
CA THR A 19 29.40 -4.46 -7.30
C THR A 19 29.34 -5.22 -6.01
N SER A 20 28.45 -6.20 -5.93
CA SER A 20 28.34 -7.10 -4.79
C SER A 20 29.74 -7.75 -4.52
N SER A 21 30.44 -8.25 -5.56
CA SER A 21 31.77 -8.83 -5.38
C SER A 21 32.82 -7.80 -4.99
N MET A 22 32.70 -6.54 -5.49
CA MET A 22 33.62 -5.47 -5.13
C MET A 22 33.48 -5.13 -3.65
N PHE A 23 32.24 -5.05 -3.14
CA PHE A 23 31.92 -4.75 -1.73
C PHE A 23 32.48 -5.83 -0.79
N ASN A 24 32.33 -7.11 -1.18
CA ASN A 24 32.81 -8.21 -0.37
C ASN A 24 34.33 -8.29 -0.46
N ARG A 25 34.91 -8.02 -1.64
CA ARG A 25 36.37 -7.99 -1.82
C ARG A 25 36.98 -6.89 -0.96
N SER A 26 36.31 -5.72 -0.89
CA SER A 26 36.80 -4.61 -0.07
C SER A 26 36.83 -5.02 1.39
N LYS A 27 35.75 -5.66 1.86
CA LYS A 27 35.67 -6.15 3.26
C LYS A 27 36.84 -7.12 3.55
N GLU A 28 37.12 -8.04 2.63
CA GLU A 28 38.21 -9.03 2.81
C GLU A 28 39.60 -8.39 2.83
N PHE A 29 39.88 -7.41 1.92
CA PHE A 29 41.18 -6.73 1.93
C PHE A 29 41.38 -5.90 3.21
N TYR A 30 40.34 -5.19 3.68
CA TYR A 30 40.38 -4.41 4.91
C TYR A 30 40.66 -5.32 6.12
N ASP A 31 40.06 -6.53 6.16
CA ASP A 31 40.31 -7.51 7.25
C ASP A 31 41.75 -8.03 7.23
N ALA A 32 42.39 -8.05 6.04
CA ALA A 32 43.77 -8.49 5.86
C ALA A 32 44.73 -7.27 5.97
N ASP A 33 44.19 -6.13 6.45
CA ASP A 33 44.88 -4.87 6.67
C ASP A 33 45.38 -4.17 5.40
N ILE A 34 44.60 -4.30 4.30
CA ILE A 34 44.88 -3.64 3.03
C ILE A 34 43.67 -2.75 2.67
N PRO A 35 43.73 -1.42 2.90
CA PRO A 35 42.62 -0.55 2.47
C PRO A 35 42.36 -0.80 0.99
N ALA A 36 41.09 -1.08 0.64
CA ALA A 36 40.65 -1.37 -0.71
C ALA A 36 39.39 -0.57 -0.96
N ASP A 37 39.56 0.59 -1.64
CA ASP A 37 38.47 1.52 -1.92
C ASP A 37 37.95 1.47 -3.34
N ILE A 38 36.75 2.03 -3.55
CA ILE A 38 36.09 2.02 -4.86
C ILE A 38 36.21 3.36 -5.53
N VAL A 39 36.60 3.37 -6.82
CA VAL A 39 36.69 4.60 -7.64
C VAL A 39 35.60 4.53 -8.69
N THR A 40 34.70 5.54 -8.73
CA THR A 40 33.62 5.66 -9.71
C THR A 40 33.84 6.88 -10.60
N PHE A 41 33.17 6.93 -11.78
CA PHE A 41 33.36 7.98 -12.77
C PHE A 41 32.08 8.66 -13.22
N ASP A 42 30.91 8.22 -12.74
CA ASP A 42 29.66 8.85 -13.15
C ASP A 42 29.37 10.10 -12.31
N TYR A 43 28.36 10.83 -12.75
CA TYR A 43 27.88 12.02 -12.08
C TYR A 43 26.53 11.70 -11.46
N LYS A 44 26.40 11.96 -10.17
CA LYS A 44 25.12 11.89 -9.45
C LYS A 44 25.06 13.16 -8.62
N GLY A 45 23.87 13.74 -8.53
CA GLY A 45 23.63 14.90 -7.70
C GLY A 45 23.50 14.52 -6.23
N ASN A 46 23.14 13.25 -5.91
CA ASN A 46 22.92 12.74 -4.54
C ASN A 46 23.78 11.49 -4.17
N TYR A 47 25.09 11.51 -4.47
CA TYR A 47 25.96 10.37 -4.15
C TYR A 47 26.06 10.03 -2.66
N ASP A 48 26.09 11.08 -1.82
CA ASP A 48 26.15 10.98 -0.35
C ASP A 48 24.99 10.11 0.18
N GLU A 49 23.79 10.28 -0.38
CA GLU A 49 22.61 9.49 0.02
C GLU A 49 22.68 8.02 -0.45
N ILE A 50 23.33 7.76 -1.62
CA ILE A 50 23.47 6.40 -2.17
C ILE A 50 24.40 5.60 -1.24
N ILE A 51 25.57 6.19 -0.90
CA ILE A 51 26.57 5.58 -0.02
C ILE A 51 26.00 5.21 1.36
N LYS A 52 25.31 6.17 2.03
CA LYS A 52 24.67 5.97 3.33
C LYS A 52 23.71 4.80 3.27
N ALA A 53 22.86 4.73 2.19
CA ALA A 53 21.88 3.66 2.01
C ALA A 53 22.55 2.29 1.85
N LEU A 54 23.62 2.19 1.02
CA LEU A 54 24.38 0.95 0.78
C LEU A 54 25.05 0.46 2.05
N LYS A 55 25.54 1.40 2.88
CA LYS A 55 26.19 1.07 4.15
C LYS A 55 25.16 0.63 5.21
N LYS A 56 24.01 1.33 5.28
CA LYS A 56 22.91 1.04 6.21
C LYS A 56 22.35 -0.37 5.94
N GLN A 57 22.22 -0.74 4.65
CA GLN A 57 21.74 -2.05 4.21
C GLN A 57 22.75 -3.19 4.50
N GLY A 58 23.99 -2.83 4.82
CA GLY A 58 25.06 -3.78 5.07
C GLY A 58 25.68 -4.36 3.80
N LYS A 59 25.36 -3.79 2.62
CA LYS A 59 25.93 -4.22 1.32
C LYS A 59 27.37 -3.75 1.25
N MET A 60 27.56 -2.46 1.48
CA MET A 60 28.87 -1.83 1.45
C MET A 60 29.41 -1.75 2.87
N ASP A 61 30.65 -2.26 3.09
CA ASP A 61 31.32 -2.22 4.40
C ASP A 61 31.51 -0.75 4.79
N ARG A 62 31.38 -0.45 6.08
CA ARG A 62 31.54 0.89 6.64
C ARG A 62 32.90 1.51 6.32
N ARG A 63 33.97 0.66 6.21
CA ARG A 63 35.35 1.09 5.94
C ARG A 63 35.56 1.45 4.45
N THR A 64 34.75 0.90 3.55
CA THR A 64 34.90 1.18 2.12
C THR A 64 34.57 2.64 1.79
N LYS A 65 35.53 3.34 1.18
CA LYS A 65 35.34 4.68 0.68
C LYS A 65 35.00 4.58 -0.79
N MET A 66 34.23 5.55 -1.28
CA MET A 66 34.03 5.71 -2.71
C MET A 66 34.67 7.02 -3.10
N TYR A 67 35.67 6.95 -3.97
CA TYR A 67 36.29 8.12 -4.59
C TYR A 67 35.58 8.31 -5.94
N ASN A 68 35.04 9.50 -6.20
CA ASN A 68 34.35 9.79 -7.44
C ASN A 68 35.00 11.04 -8.09
N VAL A 69 35.22 11.00 -9.42
CA VAL A 69 35.86 12.08 -10.20
C VAL A 69 35.17 13.45 -10.02
N PHE A 70 33.82 13.53 -10.13
CA PHE A 70 33.08 14.78 -9.96
C PHE A 70 33.11 15.24 -8.52
N GLU A 71 32.99 14.29 -7.57
CA GLU A 71 33.04 14.59 -6.12
C GLU A 71 34.37 15.19 -5.70
N TYR A 72 35.48 14.70 -6.26
CA TYR A 72 36.83 15.19 -5.98
C TYR A 72 36.95 16.69 -6.35
N PHE A 73 36.52 17.08 -7.57
CA PHE A 73 36.62 18.49 -7.97
C PHE A 73 35.56 19.34 -7.29
N LYS A 74 34.38 18.74 -6.98
CA LYS A 74 33.28 19.43 -6.29
C LYS A 74 33.75 19.82 -4.87
N GLN A 75 34.44 18.89 -4.18
CA GLN A 75 34.98 19.09 -2.83
C GLN A 75 36.03 20.18 -2.81
N ILE A 76 36.91 20.24 -3.83
CA ILE A 76 37.92 21.31 -3.95
C ILE A 76 37.19 22.66 -4.14
N SER A 77 36.16 22.67 -5.00
CA SER A 77 35.34 23.85 -5.29
C SER A 77 34.62 24.38 -4.05
N ASN A 78 34.02 23.49 -3.24
CA ASN A 78 33.32 23.82 -1.99
C ASN A 78 34.21 24.64 -1.03
N ASN A 79 35.51 24.32 -0.97
CA ASN A 79 36.51 25.00 -0.13
C ASN A 79 36.87 26.40 -0.59
N LYS A 80 36.57 26.74 -1.85
CA LYS A 80 36.88 28.06 -2.43
C LYS A 80 36.02 29.21 -1.89
N HIS A 81 34.77 28.93 -1.54
CA HIS A 81 33.86 29.97 -1.03
C HIS A 81 33.34 29.63 0.35
N PHE A 82 32.85 30.66 1.06
CA PHE A 82 32.21 30.53 2.35
C PHE A 82 30.71 30.81 2.15
N LYS A 83 30.43 31.87 1.41
CA LYS A 83 29.10 32.33 1.09
C LYS A 83 28.55 31.55 -0.14
N SER A 84 27.23 31.30 -0.17
CA SER A 84 26.52 30.68 -1.29
C SER A 84 26.47 31.63 -2.48
N ASN A 85 26.38 31.08 -3.70
CA ASN A 85 26.32 31.87 -4.93
C ASN A 85 24.93 32.53 -5.09
N LYS A 86 24.68 33.59 -4.32
CA LYS A 86 23.41 34.33 -4.32
C LYS A 86 23.02 34.88 -5.68
N LEU A 87 24.00 35.34 -6.48
CA LEU A 87 23.78 35.93 -7.80
C LEU A 87 23.18 35.00 -8.85
N LEU A 88 23.51 33.70 -8.79
CA LEU A 88 22.95 32.74 -9.74
C LEU A 88 21.46 32.62 -9.41
N TYR A 89 21.10 32.51 -8.12
CA TYR A 89 19.70 32.39 -7.69
C TYR A 89 18.91 33.64 -7.97
N LYS A 90 19.54 34.82 -7.81
CA LYS A 90 18.93 36.13 -8.09
C LYS A 90 18.65 36.25 -9.58
N HIS A 91 19.63 35.86 -10.43
CA HIS A 91 19.55 35.85 -11.90
C HIS A 91 18.32 35.02 -12.36
N ILE A 92 18.19 33.77 -11.85
CA ILE A 92 17.08 32.86 -12.17
C ILE A 92 15.72 33.49 -11.77
N SER A 93 15.63 34.07 -10.56
CA SER A 93 14.44 34.75 -10.04
C SER A 93 14.06 35.94 -10.91
N GLU A 94 15.06 36.72 -11.38
CA GLU A 94 14.82 37.91 -12.21
C GLU A 94 14.22 37.57 -13.56
N ARG A 95 14.61 36.43 -14.15
CA ARG A 95 14.11 35.95 -15.44
C ARG A 95 12.64 35.52 -15.36
N LEU A 96 12.16 35.20 -14.14
CA LEU A 96 10.79 34.80 -13.88
C LEU A 96 9.95 35.98 -13.35
N LYS A 97 10.61 37.13 -13.11
CA LYS A 97 9.94 38.35 -12.64
C LYS A 97 9.18 38.94 -13.81
N ASN A 98 7.96 39.44 -13.53
CA ASN A 98 7.06 40.02 -14.53
C ASN A 98 6.62 39.00 -15.60
N THR A 99 6.16 37.83 -15.13
CA THR A 99 5.61 36.74 -15.94
C THR A 99 4.20 36.39 -15.47
N ILE A 100 3.48 35.58 -16.26
CA ILE A 100 2.16 35.06 -15.93
C ILE A 100 2.39 33.57 -15.68
N GLU A 101 2.04 33.08 -14.49
CA GLU A 101 2.13 31.66 -14.16
C GLU A 101 0.84 30.96 -14.61
N ILE A 102 0.98 29.84 -15.33
CA ILE A 102 -0.13 29.01 -15.77
C ILE A 102 0.15 27.57 -15.32
N GLU A 103 -0.49 27.19 -14.21
CA GLU A 103 -0.38 25.88 -13.57
C GLU A 103 -1.02 24.79 -14.45
N GLU A 104 -0.33 23.64 -14.63
CA GLU A 104 -0.81 22.51 -15.43
C GLU A 104 -1.28 21.41 -14.47
N SER A 105 -0.48 21.15 -13.43
CA SER A 105 -0.68 20.16 -12.38
C SER A 105 -0.03 20.67 -11.09
N LYS A 106 0.16 19.80 -10.09
CA LYS A 106 0.85 20.15 -8.85
C LYS A 106 2.33 19.92 -9.15
N GLY A 107 3.13 20.97 -8.99
CA GLY A 107 4.56 20.92 -9.29
C GLY A 107 4.92 21.40 -10.68
N ILE A 108 3.98 21.27 -11.66
CA ILE A 108 4.18 21.68 -13.05
C ILE A 108 3.55 23.05 -13.32
N SER A 109 4.34 24.01 -13.83
CA SER A 109 3.86 25.35 -14.20
C SER A 109 4.63 25.95 -15.38
N ARG A 110 3.98 26.88 -16.11
CA ARG A 110 4.58 27.58 -17.26
C ARG A 110 4.57 29.07 -17.03
N TYR A 111 5.57 29.79 -17.58
CA TYR A 111 5.72 31.23 -17.37
C TYR A 111 5.82 31.97 -18.69
N PHE A 112 5.01 33.03 -18.84
CA PHE A 112 4.90 33.85 -20.06
C PHE A 112 5.17 35.31 -19.73
N ASP A 113 6.04 35.99 -20.49
CA ASP A 113 6.34 37.40 -20.22
C ASP A 113 5.16 38.30 -20.53
N ILE A 114 4.86 39.22 -19.60
CA ILE A 114 3.76 40.18 -19.67
C ILE A 114 3.85 41.11 -20.90
N THR A 115 5.07 41.46 -21.35
CA THR A 115 5.28 42.34 -22.51
C THR A 115 5.48 41.59 -23.84
N THR A 116 6.50 40.69 -23.93
CA THR A 116 6.78 39.93 -25.16
C THR A 116 5.72 38.86 -25.51
N ARG A 117 4.84 38.53 -24.55
CA ARG A 117 3.76 37.53 -24.65
C ARG A 117 4.28 36.09 -24.88
N THR A 118 5.61 35.91 -24.94
CA THR A 118 6.23 34.61 -25.18
C THR A 118 6.56 33.77 -23.94
N TYR A 119 6.58 32.44 -24.17
CA TYR A 119 6.90 31.36 -23.25
C TYR A 119 8.36 31.51 -22.75
N ILE A 120 8.53 31.81 -21.45
CA ILE A 120 9.82 32.04 -20.78
C ILE A 120 10.35 30.75 -20.12
N ALA A 121 9.53 30.14 -19.24
CA ALA A 121 9.97 28.96 -18.53
C ALA A 121 8.92 27.89 -18.28
N TYR A 122 9.43 26.69 -18.03
CA TYR A 122 8.70 25.50 -17.63
C TYR A 122 9.40 25.03 -16.34
N ILE A 123 8.62 24.87 -15.25
CA ILE A 123 9.13 24.37 -13.97
C ILE A 123 8.37 23.10 -13.59
N ARG A 124 9.10 22.02 -13.26
CA ARG A 124 8.53 20.75 -12.82
C ARG A 124 9.16 20.37 -11.46
N LYS A 125 8.33 20.40 -10.39
CA LYS A 125 8.69 20.05 -9.01
C LYS A 125 8.11 18.67 -8.64
N SER A 126 8.99 17.71 -8.31
CA SER A 126 8.59 16.36 -7.89
C SER A 126 9.51 15.92 -6.74
N LYS A 127 8.92 15.71 -5.53
CA LYS A 127 9.61 15.33 -4.30
C LYS A 127 10.63 16.42 -3.87
N SER A 128 11.93 16.10 -3.88
CA SER A 128 13.05 16.96 -3.54
C SER A 128 13.74 17.55 -4.80
N GLU A 129 13.26 17.12 -5.99
CA GLU A 129 13.79 17.54 -7.28
C GLU A 129 13.00 18.67 -7.95
N LYS A 130 13.74 19.51 -8.68
CA LYS A 130 13.19 20.64 -9.43
C LYS A 130 13.99 20.84 -10.69
N VAL A 131 13.29 21.14 -11.77
CA VAL A 131 13.84 21.37 -13.09
C VAL A 131 13.25 22.69 -13.59
N ILE A 132 14.11 23.60 -14.10
CA ILE A 132 13.66 24.87 -14.68
C ILE A 132 14.20 24.92 -16.09
N ASP A 133 13.29 24.80 -17.09
CA ASP A 133 13.64 24.88 -18.50
C ASP A 133 13.33 26.29 -18.98
N PHE A 134 14.33 26.95 -19.58
CA PHE A 134 14.16 28.30 -20.11
C PHE A 134 14.02 28.23 -21.62
N PHE A 135 13.21 29.13 -22.15
CA PHE A 135 12.88 29.18 -23.57
C PHE A 135 13.24 30.51 -24.19
N LYS A 136 13.52 30.48 -25.51
CA LYS A 136 13.79 31.65 -26.35
C LYS A 136 13.22 31.32 -27.72
N ASP A 137 12.26 32.15 -28.17
CA ASP A 137 11.52 32.02 -29.43
C ASP A 137 10.89 30.62 -29.55
N ASN A 138 10.19 30.20 -28.47
CA ASN A 138 9.49 28.93 -28.28
C ASN A 138 10.37 27.68 -28.39
N LYS A 139 11.69 27.86 -28.17
CA LYS A 139 12.70 26.80 -28.23
C LYS A 139 13.43 26.75 -26.87
N ARG A 140 13.55 25.54 -26.29
CA ARG A 140 14.26 25.32 -25.02
C ARG A 140 15.76 25.60 -25.19
N ILE A 141 16.27 26.62 -24.49
CA ILE A 141 17.70 26.95 -24.54
C ILE A 141 18.48 26.27 -23.41
N GLU A 142 17.91 26.24 -22.20
CA GLU A 142 18.58 25.65 -21.04
C GLU A 142 17.71 24.99 -19.99
N ARG A 143 18.34 24.15 -19.17
CA ARG A 143 17.72 23.48 -18.04
C ARG A 143 18.62 23.58 -16.82
N PHE A 144 18.08 24.12 -15.72
CA PHE A 144 18.73 24.12 -14.41
C PHE A 144 18.06 22.98 -13.58
N SER A 145 18.89 22.09 -13.04
CA SER A 145 18.50 20.96 -12.21
C SER A 145 18.87 21.22 -10.77
N PHE A 146 17.89 21.03 -9.86
CA PHE A 146 18.00 21.27 -8.42
C PHE A 146 17.66 20.03 -7.60
N ILE A 147 18.31 19.90 -6.44
CA ILE A 147 18.07 18.90 -5.38
C ILE A 147 18.01 19.71 -4.09
N ASP A 148 16.87 19.62 -3.36
CA ASP A 148 16.57 20.38 -2.12
C ASP A 148 16.76 21.89 -2.34
N ASN A 149 16.21 22.40 -3.47
CA ASN A 149 16.28 23.81 -3.91
C ASN A 149 17.69 24.35 -4.22
N LYS A 150 18.66 23.46 -4.36
CA LYS A 150 20.03 23.83 -4.66
C LYS A 150 20.41 23.36 -6.06
N VAL A 151 20.85 24.32 -6.91
CA VAL A 151 21.29 24.01 -8.27
C VAL A 151 22.51 23.04 -8.25
N HIS A 152 22.51 22.02 -9.11
CA HIS A 152 23.66 21.13 -9.19
C HIS A 152 24.17 21.03 -10.62
N MET A 153 23.32 21.37 -11.57
CA MET A 153 23.66 21.25 -12.98
C MET A 153 22.87 22.20 -13.87
N LYS A 154 23.51 22.66 -14.95
CA LYS A 154 22.91 23.45 -16.02
C LYS A 154 23.23 22.73 -17.33
N GLU A 155 22.21 22.48 -18.16
CA GLU A 155 22.40 21.87 -19.49
C GLU A 155 21.97 22.86 -20.53
N THR A 156 22.72 22.94 -21.63
CA THR A 156 22.36 23.82 -22.76
C THR A 156 21.87 22.96 -23.93
N PHE A 157 20.84 23.42 -24.64
CA PHE A 157 20.25 22.67 -25.77
C PHE A 157 20.49 23.31 -27.11
N ASN A 158 20.67 22.47 -28.15
CA ASN A 158 20.83 22.91 -29.54
C ASN A 158 19.44 23.04 -30.23
N VAL A 159 19.43 23.28 -31.56
CA VAL A 159 18.21 23.40 -32.41
C VAL A 159 17.29 22.18 -32.38
N ASP A 160 17.86 20.98 -32.20
CA ASP A 160 17.14 19.71 -32.14
C ASP A 160 16.72 19.36 -30.71
N ASN A 161 16.83 20.34 -29.76
CA ASN A 161 16.53 20.20 -28.33
C ASN A 161 17.34 19.05 -27.69
N LYS A 162 18.60 18.89 -28.13
CA LYS A 162 19.53 17.89 -27.59
C LYS A 162 20.61 18.61 -26.78
N VAL A 163 21.15 17.95 -25.73
CA VAL A 163 22.19 18.49 -24.84
C VAL A 163 23.52 18.69 -25.59
N CYS A 164 24.00 19.94 -25.67
CA CYS A 164 25.28 20.24 -26.31
C CYS A 164 26.32 20.77 -25.32
N TYR A 165 25.92 21.13 -24.09
CA TYR A 165 26.80 21.70 -23.09
C TYR A 165 26.26 21.46 -21.68
N GLN A 166 27.17 21.18 -20.72
CA GLN A 166 26.81 21.00 -19.31
C GLN A 166 27.76 21.76 -18.42
N VAL A 167 27.19 22.29 -17.34
CA VAL A 167 27.92 22.98 -16.26
C VAL A 167 27.50 22.28 -14.95
N PHE A 168 28.48 21.93 -14.11
CA PHE A 168 28.21 21.34 -12.81
C PHE A 168 28.50 22.38 -11.73
N TYR A 169 27.64 22.44 -10.69
CA TYR A 169 27.72 23.43 -9.62
C TYR A 169 27.93 22.75 -8.29
N ASP A 170 28.83 23.33 -7.47
CA ASP A 170 29.18 22.77 -6.16
C ASP A 170 28.06 22.95 -5.10
N GLU A 171 28.34 22.57 -3.84
CA GLU A 171 27.38 22.67 -2.72
C GLU A 171 26.93 24.08 -2.39
N LYS A 172 27.72 25.10 -2.82
CA LYS A 172 27.39 26.51 -2.62
C LYS A 172 26.80 27.19 -3.87
N GLY A 173 26.66 26.43 -4.97
CA GLY A 173 26.07 26.94 -6.20
C GLY A 173 27.06 27.57 -7.16
N TYR A 174 28.35 27.26 -7.02
CA TYR A 174 29.38 27.78 -7.92
C TYR A 174 29.75 26.74 -9.00
N PRO A 175 29.98 27.15 -10.25
CA PRO A 175 30.40 26.16 -11.28
C PRO A 175 31.82 25.70 -11.07
N TYR A 176 32.09 24.37 -11.26
CA TYR A 176 33.42 23.80 -11.04
C TYR A 176 33.96 23.05 -12.24
N ILE A 177 33.06 22.60 -13.12
CA ILE A 177 33.32 21.89 -14.37
C ILE A 177 32.29 22.36 -15.41
N SER A 178 32.75 22.63 -16.66
CA SER A 178 31.93 22.98 -17.82
C SER A 178 32.44 22.07 -18.94
N ARG A 179 31.56 21.56 -19.78
CA ARG A 179 31.99 20.63 -20.83
C ARG A 179 31.07 20.59 -22.02
N ASN A 180 31.67 20.33 -23.19
CA ASN A 180 30.92 20.24 -24.44
C ASN A 180 30.39 18.85 -24.56
N ILE A 181 29.18 18.72 -25.13
CA ILE A 181 28.55 17.42 -25.34
C ILE A 181 28.22 17.30 -26.81
N ASN A 182 28.71 16.25 -27.47
CA ASN A 182 28.45 15.99 -28.89
C ASN A 182 27.01 15.47 -28.93
N ALA A 183 26.07 16.32 -29.32
CA ALA A 183 24.64 16.02 -29.37
C ALA A 183 24.25 14.80 -30.26
N ASN A 184 25.08 14.45 -31.25
CA ASN A 184 24.83 13.32 -32.15
C ASN A 184 24.92 11.97 -31.45
N ASN A 185 25.86 11.81 -30.49
CA ASN A 185 26.08 10.55 -29.77
C ASN A 185 26.12 10.67 -28.25
N GLY A 186 25.96 11.89 -27.72
CA GLY A 186 26.00 12.18 -26.29
C GLY A 186 27.37 12.03 -25.64
N ALA A 187 28.45 11.95 -26.45
CA ALA A 187 29.81 11.81 -25.93
C ALA A 187 30.31 13.16 -25.40
N VAL A 188 31.17 13.10 -24.39
CA VAL A 188 31.75 14.28 -23.76
C VAL A 188 32.98 14.75 -24.55
N GLY A 189 32.98 16.01 -24.89
CA GLY A 189 34.07 16.65 -25.60
C GLY A 189 34.97 17.39 -24.64
N LYS A 190 35.48 18.56 -25.07
CA LYS A 190 36.36 19.40 -24.26
C LYS A 190 35.72 19.71 -22.90
N THR A 191 36.43 19.38 -21.83
CA THR A 191 36.00 19.58 -20.46
C THR A 191 36.94 20.58 -19.78
N TYR A 192 36.37 21.57 -19.10
CA TYR A 192 37.14 22.58 -18.37
C TYR A 192 36.85 22.46 -16.90
N VAL A 193 37.91 22.26 -16.14
CA VAL A 193 37.83 22.18 -14.69
C VAL A 193 38.21 23.59 -14.22
N LEU A 194 37.18 24.38 -13.91
CA LEU A 194 37.29 25.78 -13.48
C LEU A 194 38.15 25.94 -12.27
N VAL A 195 38.05 24.98 -11.30
CA VAL A 195 38.80 25.00 -10.03
C VAL A 195 40.32 24.97 -10.11
N ASN A 196 40.91 24.28 -11.10
CA ASN A 196 42.37 24.26 -11.26
C ASN A 196 42.82 24.87 -12.62
N LYS A 197 41.87 25.46 -13.38
CA LYS A 197 42.13 26.05 -14.70
C LYS A 197 42.74 25.05 -15.69
N LYS A 198 42.30 23.78 -15.62
CA LYS A 198 42.79 22.76 -16.54
C LYS A 198 41.72 22.31 -17.49
N GLU A 199 42.08 22.18 -18.76
CA GLU A 199 41.17 21.69 -19.79
C GLU A 199 41.61 20.31 -20.23
N PHE A 200 40.64 19.46 -20.56
CA PHE A 200 40.88 18.08 -21.01
C PHE A 200 40.15 17.87 -22.30
N LYS A 201 40.71 17.08 -23.22
CA LYS A 201 40.09 16.88 -24.55
C LYS A 201 38.77 16.13 -24.54
N ASN A 202 38.57 15.28 -23.51
CA ASN A 202 37.36 14.47 -23.34
C ASN A 202 37.32 13.89 -21.92
N ASN A 203 36.26 13.15 -21.58
CA ASN A 203 36.07 12.54 -20.26
C ASN A 203 37.15 11.53 -19.88
N LEU A 204 37.64 10.73 -20.83
CA LEU A 204 38.69 9.74 -20.57
C LEU A 204 39.95 10.47 -20.11
N ALA A 205 40.33 11.58 -20.80
CA ALA A 205 41.49 12.41 -20.40
C ALA A 205 41.31 12.95 -18.97
N LEU A 206 40.09 13.43 -18.63
CA LEU A 206 39.80 13.95 -17.29
C LEU A 206 39.99 12.82 -16.26
N CYS A 207 39.37 11.64 -16.54
CA CYS A 207 39.47 10.46 -15.66
C CYS A 207 40.86 9.91 -15.50
N VAL A 208 41.66 9.97 -16.57
CA VAL A 208 43.07 9.54 -16.51
C VAL A 208 43.85 10.50 -15.59
N TYR A 209 43.63 11.83 -15.75
CA TYR A 209 44.28 12.84 -14.90
C TYR A 209 43.92 12.59 -13.45
N TYR A 210 42.62 12.41 -13.18
CA TYR A 210 42.07 12.18 -11.85
C TYR A 210 42.76 11.01 -11.12
N LEU A 211 42.90 9.85 -11.81
CA LEU A 211 43.58 8.67 -11.26
C LEU A 211 45.05 8.93 -10.96
N GLU A 212 45.72 9.77 -11.77
CA GLU A 212 47.12 10.12 -11.55
C GLU A 212 47.26 11.04 -10.33
N LYS A 213 46.22 11.86 -10.07
CA LYS A 213 46.12 12.77 -8.91
C LYS A 213 45.74 11.96 -7.64
N LEU A 214 44.77 11.06 -7.76
CA LEU A 214 44.31 10.23 -6.65
C LEU A 214 45.31 9.18 -6.19
N ILE A 215 45.93 8.46 -7.12
CA ILE A 215 46.78 7.31 -6.80
C ILE A 215 48.27 7.60 -6.99
N LYS A 216 49.03 7.56 -5.89
CA LYS A 216 50.47 7.80 -5.96
C LYS A 216 51.22 6.70 -6.72
N ASP A 217 52.24 7.12 -7.49
CA ASP A 217 53.05 6.22 -8.29
C ASP A 217 54.06 5.39 -7.46
N SER A 218 53.50 4.48 -6.66
CA SER A 218 54.23 3.57 -5.77
C SER A 218 53.81 2.13 -6.06
N LYS A 219 54.76 1.19 -5.93
CA LYS A 219 54.54 -0.26 -6.10
C LYS A 219 53.48 -0.78 -5.10
N ASP A 220 53.25 -0.03 -4.01
CA ASP A 220 52.27 -0.32 -2.96
C ASP A 220 50.86 0.07 -3.42
N SER A 221 50.75 0.95 -4.43
CA SER A 221 49.46 1.39 -5.02
C SER A 221 49.01 0.32 -6.01
N ILE A 222 47.81 -0.23 -5.80
CA ILE A 222 47.26 -1.28 -6.66
C ILE A 222 45.93 -0.83 -7.24
N MET A 223 45.83 -0.85 -8.57
CA MET A 223 44.60 -0.54 -9.29
C MET A 223 43.99 -1.83 -9.78
N ILE A 224 42.70 -2.01 -9.51
CA ILE A 224 41.97 -3.18 -9.99
C ILE A 224 40.81 -2.64 -10.78
N CYS A 225 40.74 -2.95 -12.05
CA CYS A 225 39.64 -2.48 -12.84
C CYS A 225 38.62 -3.58 -12.98
N ASP A 226 37.42 -3.34 -12.43
CA ASP A 226 36.28 -4.25 -12.44
C ASP A 226 35.31 -3.97 -13.57
N GLY A 227 34.99 -2.70 -13.78
CA GLY A 227 34.09 -2.31 -14.87
C GLY A 227 34.83 -2.42 -16.19
N PRO A 228 34.43 -3.32 -17.10
CA PRO A 228 35.22 -3.50 -18.35
C PRO A 228 35.35 -2.27 -19.23
N GLY A 229 34.28 -1.48 -19.33
CA GLY A 229 34.31 -0.26 -20.13
C GLY A 229 35.22 0.80 -19.52
N SER A 230 35.56 0.64 -18.20
CA SER A 230 36.46 1.55 -17.50
C SER A 230 37.93 1.24 -17.67
N PHE A 231 38.26 0.08 -18.31
CA PHE A 231 39.66 -0.33 -18.48
C PHE A 231 40.57 0.73 -19.10
N PRO A 232 40.17 1.46 -20.18
CA PRO A 232 41.05 2.52 -20.72
C PRO A 232 41.45 3.62 -19.73
N LYS A 233 40.60 3.94 -18.74
CA LYS A 233 40.95 4.95 -17.71
C LYS A 233 42.17 4.53 -16.93
N MET A 234 42.21 3.24 -16.50
CA MET A 234 43.34 2.68 -15.76
C MET A 234 44.52 2.48 -16.72
N PHE A 235 44.26 1.83 -17.86
CA PHE A 235 45.29 1.50 -18.84
C PHE A 235 46.12 2.73 -19.31
N ASN A 236 45.46 3.85 -19.63
CA ASN A 236 46.11 5.06 -20.15
C ASN A 236 46.87 5.92 -19.11
N THR A 237 46.79 5.62 -17.79
CA THR A 237 47.52 6.45 -16.82
C THR A 237 49.05 6.32 -17.03
N ASN A 238 49.80 7.33 -16.63
CA ASN A 238 51.25 7.40 -16.77
C ASN A 238 52.04 6.67 -15.66
N HIS A 239 51.35 6.02 -14.69
CA HIS A 239 51.99 5.31 -13.55
C HIS A 239 53.06 4.35 -14.04
N LYS A 240 54.25 4.43 -13.43
CA LYS A 240 55.39 3.58 -13.78
C LYS A 240 55.59 2.47 -12.74
N ASN A 241 55.09 2.68 -11.51
CA ASN A 241 55.27 1.72 -10.41
C ASN A 241 53.99 1.10 -9.92
N ALA A 242 52.89 1.88 -9.88
CA ALA A 242 51.60 1.38 -9.43
C ALA A 242 51.19 0.16 -10.25
N GLN A 243 50.59 -0.84 -9.59
CA GLN A 243 50.15 -2.07 -10.21
C GLN A 243 48.79 -1.91 -10.88
N LYS A 244 48.61 -2.64 -11.99
CA LYS A 244 47.35 -2.60 -12.76
C LYS A 244 46.82 -3.99 -13.02
N TYR A 245 45.57 -4.22 -12.62
CA TYR A 245 44.87 -5.51 -12.81
C TYR A 245 43.53 -5.26 -13.39
N GLY A 246 43.08 -6.18 -14.22
CA GLY A 246 41.76 -6.14 -14.82
C GLY A 246 41.05 -7.38 -14.33
N VAL A 247 39.79 -7.26 -13.81
CA VAL A 247 39.02 -8.43 -13.42
C VAL A 247 37.90 -8.59 -14.45
N ILE A 248 37.85 -9.73 -15.15
CA ILE A 248 36.80 -10.06 -16.11
C ILE A 248 35.69 -10.81 -15.34
N HIS A 249 34.51 -10.22 -15.28
CA HIS A 249 33.41 -10.76 -14.47
C HIS A 249 32.45 -11.64 -15.28
N VAL A 250 32.60 -11.66 -16.58
CA VAL A 250 31.62 -12.33 -17.46
C VAL A 250 32.27 -13.33 -18.43
N ASN A 251 31.44 -14.10 -19.10
CA ASN A 251 31.89 -14.93 -20.19
C ASN A 251 32.30 -13.91 -21.29
N HIS A 252 33.56 -14.00 -21.76
CA HIS A 252 34.14 -13.06 -22.73
C HIS A 252 33.57 -13.22 -24.16
N HIS A 253 32.78 -14.26 -24.42
CA HIS A 253 32.17 -14.38 -25.74
C HIS A 253 30.93 -13.48 -25.77
N GLU A 254 30.56 -13.02 -26.98
CA GLU A 254 29.35 -12.24 -27.18
C GLU A 254 28.13 -13.11 -26.87
N ASN A 255 27.20 -12.55 -26.11
CA ASN A 255 25.96 -13.20 -25.70
C ASN A 255 25.07 -13.30 -26.89
N PHE A 256 24.25 -14.37 -26.96
CA PHE A 256 23.28 -14.62 -28.03
C PHE A 256 23.92 -14.50 -29.43
N ASP A 257 25.08 -15.13 -29.59
CA ASP A 257 25.87 -15.10 -30.81
C ASP A 257 26.33 -16.50 -31.21
N ASP A 258 26.12 -16.85 -32.49
CA ASP A 258 26.52 -18.16 -33.02
C ASP A 258 27.77 -18.06 -33.89
N THR A 259 28.25 -16.82 -34.14
CA THR A 259 29.45 -16.57 -34.94
C THR A 259 30.74 -16.72 -34.15
N GLY A 260 30.62 -16.86 -32.83
CA GLY A 260 31.78 -17.02 -31.96
C GLY A 260 32.44 -15.74 -31.52
N ALA A 261 31.87 -14.55 -31.93
CA ALA A 261 32.36 -13.21 -31.59
C ALA A 261 32.68 -13.00 -30.09
N PHE A 262 33.64 -12.13 -29.80
CA PHE A 262 34.04 -11.76 -28.45
C PHE A 262 33.49 -10.40 -28.09
N LYS A 263 33.14 -10.18 -26.81
CA LYS A 263 32.65 -8.87 -26.33
C LYS A 263 33.80 -7.87 -26.52
N LYS A 264 33.51 -6.69 -27.08
CA LYS A 264 34.53 -5.67 -27.35
C LYS A 264 35.37 -5.23 -26.16
N SER A 265 34.74 -4.87 -25.04
CA SER A 265 35.47 -4.39 -23.84
C SER A 265 36.40 -5.45 -23.29
N GLU A 266 35.87 -6.66 -23.04
CA GLU A 266 36.64 -7.81 -22.53
C GLU A 266 37.75 -8.22 -23.47
N LYS A 267 37.54 -8.10 -24.80
CA LYS A 267 38.56 -8.45 -25.81
C LYS A 267 39.78 -7.54 -25.69
N TYR A 268 39.52 -6.24 -25.47
CA TYR A 268 40.57 -5.24 -25.29
C TYR A 268 41.38 -5.47 -24.00
N ILE A 269 40.71 -5.86 -22.91
CA ILE A 269 41.36 -6.19 -21.65
C ILE A 269 42.31 -7.39 -21.85
N ILE A 270 41.77 -8.51 -22.36
CA ILE A 270 42.51 -9.76 -22.62
C ILE A 270 43.71 -9.54 -23.52
N GLU A 271 43.52 -8.86 -24.67
CA GLU A 271 44.60 -8.58 -25.60
C GLU A 271 45.73 -7.75 -25.04
N ASN A 272 45.44 -6.95 -24.01
CA ASN A 272 46.42 -6.10 -23.32
C ASN A 272 46.94 -6.65 -21.98
N ALA A 273 46.62 -7.93 -21.66
CA ALA A 273 47.01 -8.59 -20.39
C ALA A 273 48.50 -8.56 -20.12
N ASN A 274 49.31 -8.78 -21.18
CA ASN A 274 50.77 -8.80 -21.08
C ASN A 274 51.38 -7.45 -20.80
N LYS A 275 50.62 -6.36 -20.96
CA LYS A 275 51.09 -4.99 -20.75
C LYS A 275 50.78 -4.47 -19.34
N ILE A 276 50.06 -5.26 -18.49
CA ILE A 276 49.69 -4.87 -17.13
C ILE A 276 50.13 -5.98 -16.15
N ASN A 277 49.78 -5.87 -14.86
CA ASN A 277 50.22 -6.91 -13.94
C ASN A 277 49.44 -8.21 -14.07
N GLY A 278 48.23 -8.14 -14.61
CA GLY A 278 47.43 -9.34 -14.79
C GLY A 278 45.96 -9.11 -15.07
N VAL A 279 45.38 -10.09 -15.77
CA VAL A 279 43.96 -10.10 -16.06
C VAL A 279 43.40 -11.32 -15.32
N ILE A 280 42.44 -11.06 -14.44
CA ILE A 280 41.83 -12.07 -13.58
C ILE A 280 40.51 -12.54 -14.14
N VAL A 281 40.32 -13.88 -14.16
CA VAL A 281 39.07 -14.52 -14.53
C VAL A 281 38.64 -15.31 -13.33
N LEU A 282 37.34 -15.64 -13.24
CA LEU A 282 36.82 -16.27 -12.05
C LEU A 282 36.94 -17.79 -11.98
N THR A 283 37.07 -18.46 -13.15
CA THR A 283 37.16 -19.93 -13.15
C THR A 283 38.36 -20.39 -13.94
N GLU A 284 38.83 -21.63 -13.69
CA GLU A 284 39.97 -22.21 -14.41
C GLU A 284 39.62 -22.43 -15.88
N ALA A 285 38.38 -22.86 -16.16
CA ALA A 285 37.94 -23.12 -17.55
C ALA A 285 38.01 -21.90 -18.44
N GLN A 286 37.61 -20.72 -17.92
CA GLN A 286 37.71 -19.50 -18.72
C GLN A 286 39.14 -19.15 -19.01
N ARG A 287 40.06 -19.32 -18.03
CA ARG A 287 41.49 -19.03 -18.20
C ARG A 287 42.08 -19.87 -19.33
N LEU A 288 41.76 -21.17 -19.36
CA LEU A 288 42.24 -22.07 -20.42
C LEU A 288 41.66 -21.68 -21.78
N ASP A 289 40.36 -21.34 -21.83
CA ASP A 289 39.71 -20.92 -23.08
C ASP A 289 40.38 -19.66 -23.61
N ILE A 290 40.70 -18.72 -22.73
CA ILE A 290 41.35 -17.48 -23.14
C ILE A 290 42.76 -17.73 -23.69
N LEU A 291 43.53 -18.54 -22.97
CA LEU A 291 44.90 -18.89 -23.34
C LEU A 291 44.97 -19.62 -24.69
N ASN A 292 43.97 -20.46 -24.98
CA ASN A 292 43.90 -21.19 -26.24
C ASN A 292 43.56 -20.31 -27.41
N GLN A 293 42.65 -19.33 -27.21
CA GLN A 293 42.12 -18.36 -28.17
C GLN A 293 42.99 -17.12 -28.40
N PHE A 294 43.75 -16.63 -27.38
CA PHE A 294 44.52 -15.37 -27.46
C PHE A 294 46.04 -15.54 -27.27
N ASP A 295 46.83 -14.62 -27.86
CA ASP A 295 48.30 -14.61 -27.73
C ASP A 295 48.74 -13.76 -26.51
N VAL A 296 48.37 -14.22 -25.29
CA VAL A 296 48.67 -13.58 -23.99
C VAL A 296 48.98 -14.64 -22.94
N GLU A 297 49.74 -14.27 -21.89
CA GLU A 297 50.11 -15.21 -20.83
C GLU A 297 49.55 -14.82 -19.44
N ASN A 298 49.50 -13.48 -19.15
CA ASN A 298 49.07 -12.86 -17.89
C ASN A 298 47.60 -13.02 -17.50
N ILE A 299 47.07 -14.24 -17.59
CA ILE A 299 45.69 -14.58 -17.23
C ILE A 299 45.76 -15.43 -15.96
N PHE A 300 45.05 -15.00 -14.93
CA PHE A 300 45.08 -15.70 -13.65
C PHE A 300 43.68 -16.01 -13.19
N THR A 301 43.48 -17.19 -12.61
CA THR A 301 42.18 -17.56 -12.09
C THR A 301 42.13 -17.20 -10.63
N ILE A 302 41.17 -16.36 -10.24
CA ILE A 302 40.95 -16.06 -8.82
C ILE A 302 39.43 -16.00 -8.67
N SER A 303 38.84 -16.90 -7.92
CA SER A 303 37.40 -16.92 -7.62
C SER A 303 37.00 -15.64 -6.89
N ASN A 304 35.70 -15.27 -6.97
CA ASN A 304 35.17 -14.20 -6.15
C ASN A 304 35.29 -14.70 -4.71
N PHE A 305 35.47 -13.76 -3.75
CA PHE A 305 35.46 -14.13 -2.35
C PHE A 305 34.02 -14.56 -2.03
N VAL A 306 33.88 -15.48 -1.10
CA VAL A 306 32.56 -15.98 -0.69
C VAL A 306 32.29 -15.67 0.79
N LYS A 307 31.09 -15.17 1.07
CA LYS A 307 30.70 -14.83 2.44
C LYS A 307 29.91 -15.98 3.01
N ILE A 308 30.55 -16.75 3.88
CA ILE A 308 29.90 -17.88 4.55
C ILE A 308 29.39 -17.42 5.89
N HIS A 309 28.08 -17.15 5.94
CA HIS A 309 27.40 -16.76 7.16
C HIS A 309 26.84 -18.06 7.76
N ASN A 310 25.87 -17.97 8.68
CA ASN A 310 25.24 -19.14 9.27
C ASN A 310 24.15 -19.65 8.32
N ALA A 311 23.94 -20.97 8.27
CA ALA A 311 22.89 -21.51 7.41
C ALA A 311 21.54 -21.28 8.11
N PRO A 312 20.41 -21.08 7.36
CA PRO A 312 19.11 -20.92 8.04
C PRO A 312 18.86 -22.15 8.90
N LYS A 313 18.50 -21.92 10.19
CA LYS A 313 18.28 -22.98 11.18
C LYS A 313 17.27 -24.04 10.73
N HIS A 314 16.30 -23.66 9.87
CA HIS A 314 15.28 -24.55 9.35
C HIS A 314 15.26 -24.67 7.82
N PHE A 315 14.95 -25.87 7.34
CA PHE A 315 14.81 -26.19 5.93
C PHE A 315 13.38 -25.89 5.51
N GLN A 316 13.21 -25.32 4.32
CA GLN A 316 11.89 -25.04 3.78
C GLN A 316 11.28 -26.33 3.23
N THR A 317 10.22 -26.85 3.88
CA THR A 317 9.55 -28.08 3.44
C THR A 317 8.50 -27.77 2.37
N GLU A 318 8.04 -26.50 2.32
CA GLU A 318 7.07 -26.02 1.33
C GLU A 318 7.72 -25.90 -0.05
N LYS A 319 6.94 -26.22 -1.10
CA LYS A 319 7.39 -26.20 -2.49
C LYS A 319 7.59 -24.78 -3.01
N ILE A 320 8.70 -24.15 -2.59
CA ILE A 320 9.04 -22.80 -3.02
C ILE A 320 10.34 -22.87 -3.81
N VAL A 321 10.29 -22.47 -5.09
CA VAL A 321 11.46 -22.42 -5.96
C VAL A 321 11.84 -20.95 -6.07
N GLY A 322 13.07 -20.63 -5.71
CA GLY A 322 13.55 -19.25 -5.75
C GLY A 322 14.45 -18.91 -6.91
N HIS A 323 14.51 -17.61 -7.24
CA HIS A 323 15.36 -17.05 -8.28
C HIS A 323 15.63 -15.59 -7.93
N ILE A 324 16.89 -15.25 -7.58
CA ILE A 324 17.32 -13.91 -7.21
C ILE A 324 18.39 -13.43 -8.18
N SER A 325 18.06 -12.47 -9.06
CA SER A 325 19.01 -11.93 -10.04
C SER A 325 18.61 -10.55 -10.58
N ARG A 326 19.49 -9.96 -11.41
CA ARG A 326 19.20 -8.77 -12.21
C ARG A 326 18.27 -9.36 -13.28
N MET A 327 17.14 -8.70 -13.60
CA MET A 327 16.22 -9.25 -14.60
C MET A 327 16.65 -8.82 -15.99
N VAL A 328 17.65 -9.54 -16.52
CA VAL A 328 18.27 -9.23 -17.81
C VAL A 328 18.21 -10.41 -18.80
N PRO A 329 18.31 -10.15 -20.12
CA PRO A 329 18.21 -11.23 -21.11
C PRO A 329 19.09 -12.47 -20.92
N THR A 330 20.35 -12.32 -20.45
CA THR A 330 21.25 -13.47 -20.28
C THR A 330 20.81 -14.48 -19.23
N LYS A 331 19.96 -14.04 -18.27
CA LYS A 331 19.42 -14.86 -17.19
C LYS A 331 18.32 -15.78 -17.69
N ARG A 332 17.79 -15.51 -18.92
CA ARG A 332 16.76 -16.31 -19.58
C ARG A 332 15.61 -16.69 -18.66
N ILE A 333 15.02 -15.68 -17.99
CA ILE A 333 13.89 -15.84 -17.08
C ILE A 333 12.66 -16.32 -17.89
N ASP A 334 12.67 -16.07 -19.23
CA ASP A 334 11.63 -16.55 -20.16
C ASP A 334 11.65 -18.07 -20.17
N LEU A 335 12.87 -18.69 -20.09
CA LEU A 335 13.04 -20.14 -20.01
C LEU A 335 12.59 -20.67 -18.65
N LEU A 336 12.77 -19.85 -17.60
CA LEU A 336 12.32 -20.17 -16.24
C LEU A 336 10.78 -20.19 -16.20
N ILE A 337 10.11 -19.20 -16.88
CA ILE A 337 8.64 -19.16 -16.98
C ILE A 337 8.14 -20.40 -17.73
N GLU A 338 8.83 -20.79 -18.82
CA GLU A 338 8.52 -21.99 -19.61
C GLU A 338 8.69 -23.25 -18.76
N VAL A 339 9.71 -23.26 -17.87
CA VAL A 339 9.96 -24.38 -16.95
C VAL A 339 8.85 -24.42 -15.88
N ALA A 340 8.48 -23.24 -15.33
CA ALA A 340 7.43 -23.08 -14.32
C ALA A 340 6.11 -23.67 -14.83
N GLU A 341 5.74 -23.38 -16.10
CA GLU A 341 4.56 -23.91 -16.78
C GLU A 341 4.52 -25.45 -16.75
N LEU A 342 5.67 -26.10 -17.03
CA LEU A 342 5.79 -27.57 -17.03
C LEU A 342 5.68 -28.15 -15.62
N VAL A 343 6.35 -27.53 -14.63
CA VAL A 343 6.35 -27.96 -13.23
C VAL A 343 4.92 -27.82 -12.65
N VAL A 344 4.28 -26.66 -12.86
CA VAL A 344 2.92 -26.34 -12.40
C VAL A 344 1.86 -27.26 -13.02
N LYS A 345 2.03 -27.66 -14.32
CA LYS A 345 1.10 -28.59 -14.98
C LYS A 345 1.15 -30.03 -14.43
N LYS A 346 2.23 -30.41 -13.72
CA LYS A 346 2.37 -31.73 -13.07
C LYS A 346 2.14 -31.64 -11.55
N ASP A 347 2.29 -30.44 -10.96
CA ASP A 347 2.12 -30.16 -9.53
C ASP A 347 1.78 -28.68 -9.36
N ASN A 348 0.49 -28.39 -9.08
CA ASN A 348 -0.05 -27.04 -8.94
C ASN A 348 0.29 -26.35 -7.61
N ALA A 349 0.92 -27.08 -6.65
CA ALA A 349 1.27 -26.57 -5.33
C ALA A 349 2.59 -25.79 -5.29
N VAL A 350 3.49 -26.06 -6.24
CA VAL A 350 4.80 -25.43 -6.33
C VAL A 350 4.77 -23.94 -6.72
N LYS A 351 5.38 -23.10 -5.88
CA LYS A 351 5.47 -21.65 -6.05
C LYS A 351 6.86 -21.25 -6.58
N PHE A 352 6.90 -20.20 -7.43
CA PHE A 352 8.12 -19.65 -7.98
C PHE A 352 8.22 -18.19 -7.57
N HIS A 353 9.23 -17.87 -6.75
CA HIS A 353 9.51 -16.51 -6.24
C HIS A 353 10.68 -15.94 -7.01
N ILE A 354 10.40 -14.92 -7.84
CA ILE A 354 11.42 -14.28 -8.66
C ILE A 354 11.70 -12.87 -8.16
N TYR A 355 12.92 -12.66 -7.62
CA TYR A 355 13.36 -11.37 -7.10
C TYR A 355 14.27 -10.65 -8.06
N GLY A 356 14.21 -9.33 -8.03
CA GLY A 356 15.05 -8.45 -8.84
C GLY A 356 14.25 -7.49 -9.70
N GLU A 357 14.98 -6.65 -10.46
CA GLU A 357 14.42 -5.67 -11.40
C GLU A 357 15.32 -5.63 -12.63
N GLY A 358 14.76 -5.18 -13.74
CA GLY A 358 15.52 -5.08 -14.99
C GLY A 358 14.67 -4.97 -16.23
N SER A 359 15.33 -4.81 -17.39
CA SER A 359 14.73 -4.61 -18.70
C SER A 359 13.63 -5.57 -19.13
N VAL A 360 13.74 -6.87 -18.77
CA VAL A 360 12.80 -7.94 -19.12
C VAL A 360 11.62 -8.12 -18.15
N LYS A 361 11.63 -7.47 -16.95
CA LYS A 361 10.57 -7.61 -15.93
C LYS A 361 9.14 -7.54 -16.48
N ASP A 362 8.84 -6.52 -17.30
CA ASP A 362 7.51 -6.33 -17.90
C ASP A 362 7.13 -7.45 -18.88
N LYS A 363 8.10 -7.86 -19.74
CA LYS A 363 7.95 -8.95 -20.72
C LYS A 363 7.60 -10.22 -19.99
N ILE A 364 8.29 -10.47 -18.85
CA ILE A 364 8.09 -11.63 -17.98
C ILE A 364 6.73 -11.59 -17.28
N ALA A 365 6.28 -10.40 -16.81
CA ALA A 365 4.97 -10.19 -16.17
C ALA A 365 3.83 -10.59 -17.12
N LYS A 366 3.89 -10.07 -18.38
CA LYS A 366 2.96 -10.38 -19.47
C LYS A 366 2.99 -11.88 -19.78
N MET A 367 4.19 -12.49 -19.73
CA MET A 367 4.42 -13.91 -20.00
C MET A 367 3.74 -14.84 -19.00
N ILE A 368 3.77 -14.50 -17.70
CA ILE A 368 3.15 -15.27 -16.62
C ILE A 368 1.62 -15.25 -16.78
N GLU A 369 1.05 -14.05 -17.03
CA GLU A 369 -0.38 -13.78 -17.23
C GLU A 369 -0.92 -14.55 -18.43
N ASP A 370 -0.22 -14.45 -19.60
CA ASP A 370 -0.56 -15.14 -20.85
C ASP A 370 -0.55 -16.66 -20.69
N LYS A 371 0.29 -17.18 -19.79
CA LYS A 371 0.40 -18.62 -19.52
C LYS A 371 -0.45 -19.04 -18.32
N ASN A 372 -1.12 -18.04 -17.68
CA ASN A 372 -1.99 -18.19 -16.50
C ASN A 372 -1.29 -18.86 -15.31
N LEU A 373 -0.11 -18.33 -14.98
CA LEU A 373 0.73 -18.81 -13.88
C LEU A 373 0.74 -17.78 -12.74
N GLU A 374 -0.14 -16.76 -12.81
CA GLU A 374 -0.27 -15.68 -11.81
C GLU A 374 -0.60 -16.16 -10.38
N ARG A 375 -1.04 -17.42 -10.23
CA ARG A 375 -1.34 -18.05 -8.95
C ARG A 375 -0.13 -18.90 -8.44
N ASN A 376 0.94 -19.02 -9.26
CA ASN A 376 2.12 -19.83 -8.92
C ASN A 376 3.47 -19.12 -9.08
N VAL A 377 3.54 -18.13 -9.97
CA VAL A 377 4.78 -17.40 -10.24
C VAL A 377 4.61 -15.94 -9.78
N PHE A 378 5.50 -15.46 -8.89
CA PHE A 378 5.41 -14.12 -8.32
C PHE A 378 6.66 -13.27 -8.45
N LEU A 379 6.53 -12.15 -9.20
CA LEU A 379 7.59 -11.17 -9.41
C LEU A 379 7.62 -10.29 -8.14
N LYS A 380 8.50 -10.68 -7.19
CA LYS A 380 8.64 -10.10 -5.86
C LYS A 380 9.49 -8.84 -5.70
N GLY A 381 9.96 -8.29 -6.83
CA GLY A 381 10.79 -7.08 -6.84
C GLY A 381 12.19 -7.28 -6.27
N TYR A 382 12.99 -6.21 -6.24
CA TYR A 382 14.36 -6.27 -5.72
C TYR A 382 14.40 -6.53 -4.23
N THR A 383 15.36 -7.35 -3.79
CA THR A 383 15.56 -7.66 -2.38
C THR A 383 16.92 -7.17 -1.89
N THR A 384 16.93 -6.38 -0.80
CA THR A 384 18.14 -5.86 -0.16
C THR A 384 18.61 -6.87 0.88
N THR A 385 17.76 -7.89 1.16
CA THR A 385 18.01 -9.01 2.08
C THR A 385 17.88 -10.37 1.36
N PRO A 386 18.76 -10.71 0.36
CA PRO A 386 18.59 -12.01 -0.34
C PRO A 386 18.75 -13.23 0.57
N GLN A 387 19.62 -13.14 1.60
CA GLN A 387 19.87 -14.20 2.58
C GLN A 387 18.60 -14.62 3.34
N LYS A 388 17.72 -13.64 3.66
CA LYS A 388 16.44 -13.88 4.34
C LYS A 388 15.46 -14.54 3.39
N CYS A 389 15.45 -14.10 2.10
CA CYS A 389 14.60 -14.67 1.05
C CYS A 389 14.98 -16.13 0.81
N LEU A 390 16.29 -16.44 0.90
CA LEU A 390 16.84 -17.78 0.70
C LEU A 390 16.31 -18.83 1.67
N GLU A 391 15.96 -18.40 2.89
CA GLU A 391 15.39 -19.24 3.95
C GLU A 391 14.00 -19.76 3.53
N ASP A 392 13.25 -18.93 2.79
CA ASP A 392 11.91 -19.25 2.29
C ASP A 392 11.90 -20.24 1.12
N PHE A 393 13.05 -20.48 0.47
CA PHE A 393 13.10 -21.38 -0.70
C PHE A 393 13.51 -22.80 -0.33
N LYS A 394 12.92 -23.80 -1.00
CA LYS A 394 13.25 -25.22 -0.84
C LYS A 394 14.48 -25.54 -1.73
N LEU A 395 14.53 -24.89 -2.91
CA LEU A 395 15.60 -24.97 -3.89
C LEU A 395 15.65 -23.72 -4.73
N VAL A 396 16.75 -23.55 -5.46
CA VAL A 396 16.98 -22.41 -6.33
C VAL A 396 17.21 -22.93 -7.76
N VAL A 397 16.85 -22.11 -8.73
CA VAL A 397 16.95 -22.47 -10.13
C VAL A 397 17.77 -21.44 -10.92
N SER A 398 18.52 -21.92 -11.94
CA SER A 398 19.28 -21.06 -12.85
C SER A 398 19.08 -21.51 -14.29
N THR A 399 18.49 -20.63 -15.11
CA THR A 399 18.27 -20.85 -16.54
C THR A 399 19.26 -19.98 -17.32
N SER A 400 20.16 -19.30 -16.61
CA SER A 400 21.17 -18.40 -17.19
C SER A 400 22.00 -19.09 -18.26
N GLN A 401 22.26 -18.38 -19.36
CA GLN A 401 23.03 -18.92 -20.48
C GLN A 401 24.49 -18.51 -20.43
N TYR A 402 24.81 -17.43 -19.70
CA TYR A 402 26.19 -16.96 -19.62
C TYR A 402 26.49 -16.43 -18.20
N GLU A 403 27.63 -16.84 -17.63
CA GLU A 403 28.09 -16.35 -16.34
C GLU A 403 29.62 -16.31 -16.34
N GLY A 404 30.14 -15.52 -15.41
CA GLY A 404 31.55 -15.48 -15.07
C GLY A 404 31.76 -16.50 -13.97
N GLN A 405 30.78 -16.58 -13.05
CA GLN A 405 30.80 -17.54 -11.93
C GLN A 405 29.39 -17.82 -11.40
N GLY A 406 28.70 -16.80 -10.88
CA GLY A 406 27.33 -16.97 -10.38
C GLY A 406 27.20 -16.95 -8.89
N LEU A 407 27.26 -15.76 -8.30
CA LEU A 407 27.16 -15.59 -6.87
C LEU A 407 25.82 -16.01 -6.29
N SER A 408 24.69 -15.80 -7.00
CA SER A 408 23.36 -16.17 -6.49
C SER A 408 23.25 -17.67 -6.28
N MET A 409 23.77 -18.47 -7.23
CA MET A 409 23.82 -19.93 -7.12
C MET A 409 24.69 -20.32 -5.91
N ILE A 410 25.87 -19.69 -5.78
CA ILE A 410 26.80 -19.93 -4.68
C ILE A 410 26.16 -19.53 -3.35
N GLU A 411 25.47 -18.36 -3.31
CA GLU A 411 24.78 -17.85 -2.12
C GLU A 411 23.69 -18.83 -1.66
N ALA A 412 22.91 -19.38 -2.59
CA ALA A 412 21.85 -20.37 -2.31
C ALA A 412 22.45 -21.62 -1.69
N MET A 413 23.59 -22.07 -2.21
CA MET A 413 24.29 -23.26 -1.70
C MET A 413 24.81 -23.02 -0.28
N ILE A 414 25.28 -21.80 0.00
CA ILE A 414 25.72 -21.40 1.36
C ILE A 414 24.51 -21.50 2.34
N SER A 415 23.30 -21.11 1.89
CA SER A 415 22.10 -21.20 2.71
C SER A 415 21.44 -22.59 2.65
N LYS A 416 22.21 -23.63 2.23
CA LYS A 416 21.76 -25.03 2.10
C LYS A 416 20.53 -25.20 1.16
N ARG A 417 20.44 -24.33 0.13
CA ARG A 417 19.37 -24.35 -0.87
C ARG A 417 19.98 -24.91 -2.15
N PRO A 418 19.67 -26.16 -2.52
CA PRO A 418 20.31 -26.74 -3.72
C PRO A 418 19.91 -26.05 -5.01
N VAL A 419 20.83 -26.05 -5.98
CA VAL A 419 20.63 -25.41 -7.27
C VAL A 419 20.37 -26.44 -8.38
N VAL A 420 19.39 -26.13 -9.24
CA VAL A 420 19.05 -26.82 -10.49
C VAL A 420 19.43 -25.76 -11.58
N ALA A 421 20.55 -25.98 -12.27
CA ALA A 421 21.11 -25.05 -13.21
C ALA A 421 21.47 -25.64 -14.56
N PHE A 422 21.36 -24.82 -15.63
CA PHE A 422 21.82 -25.24 -16.95
C PHE A 422 23.35 -25.28 -16.88
N ASP A 423 23.98 -26.40 -17.35
CA ASP A 423 25.43 -26.56 -17.36
C ASP A 423 26.00 -25.67 -18.47
N ILE A 424 26.39 -24.43 -18.11
CA ILE A 424 26.87 -23.41 -19.05
C ILE A 424 28.27 -22.87 -18.64
N LYS A 425 28.94 -22.16 -19.55
CA LYS A 425 30.22 -21.50 -19.28
C LYS A 425 29.88 -20.07 -18.75
N TYR A 426 30.37 -19.68 -17.56
CA TYR A 426 31.23 -20.44 -16.64
C TYR A 426 30.65 -20.40 -15.24
N GLY A 427 30.99 -21.42 -14.46
CA GLY A 427 30.61 -21.45 -13.06
C GLY A 427 29.91 -22.67 -12.55
N PRO A 428 28.66 -22.98 -12.98
CA PRO A 428 27.90 -24.08 -12.36
C PRO A 428 28.63 -25.39 -12.11
N SER A 429 29.34 -25.93 -13.12
CA SER A 429 30.06 -27.23 -12.97
C SER A 429 31.27 -27.17 -12.06
N ASP A 430 31.72 -25.97 -11.68
CA ASP A 430 32.82 -25.84 -10.73
C ASP A 430 32.34 -26.22 -9.34
N PHE A 431 31.10 -25.81 -8.99
CA PHE A 431 30.60 -26.04 -7.63
C PHE A 431 29.44 -26.99 -7.47
N ILE A 432 28.65 -27.21 -8.54
CA ILE A 432 27.54 -28.16 -8.44
C ILE A 432 28.08 -29.56 -8.74
N GLU A 433 27.81 -30.54 -7.86
CA GLU A 433 28.19 -31.93 -8.03
C GLU A 433 26.87 -32.64 -8.30
N ASP A 434 26.61 -32.90 -9.60
CA ASP A 434 25.37 -33.48 -10.09
C ASP A 434 24.95 -34.69 -9.32
N ASN A 435 23.68 -34.67 -8.85
CA ASN A 435 23.02 -35.72 -8.07
C ASN A 435 23.68 -35.92 -6.68
N LYS A 436 24.47 -34.94 -6.20
CA LYS A 436 25.11 -35.00 -4.89
C LYS A 436 24.78 -33.75 -4.07
N ASN A 437 24.88 -32.55 -4.68
CA ASN A 437 24.56 -31.31 -3.97
C ASN A 437 23.61 -30.40 -4.77
N GLY A 438 23.13 -30.94 -5.89
CA GLY A 438 22.22 -30.28 -6.83
C GLY A 438 22.21 -30.99 -8.16
N TYR A 439 21.68 -30.31 -9.20
CA TYR A 439 21.62 -30.87 -10.55
C TYR A 439 22.14 -29.92 -11.60
N LEU A 440 22.95 -30.48 -12.52
CA LEU A 440 23.49 -29.81 -13.71
C LEU A 440 22.66 -30.31 -14.88
N ILE A 441 21.88 -29.40 -15.46
CA ILE A 441 20.98 -29.72 -16.57
C ILE A 441 21.61 -29.35 -17.91
N GLU A 442 21.47 -30.23 -18.91
CA GLU A 442 21.92 -29.99 -20.26
C GLU A 442 21.26 -28.70 -20.74
N ASN A 443 22.07 -27.71 -21.18
CA ASN A 443 21.61 -26.39 -21.62
C ASN A 443 20.45 -26.47 -22.61
N HIS A 444 19.38 -25.67 -22.34
CA HIS A 444 18.11 -25.56 -23.09
C HIS A 444 17.09 -26.64 -22.75
N ASN A 445 17.53 -27.78 -22.17
CA ASN A 445 16.66 -28.91 -21.83
C ASN A 445 15.67 -28.56 -20.70
N ILE A 446 14.59 -27.83 -21.05
CA ILE A 446 13.54 -27.38 -20.13
C ILE A 446 12.75 -28.53 -19.48
N ASN A 447 12.59 -29.67 -20.19
CA ASN A 447 11.88 -30.85 -19.70
C ASN A 447 12.64 -31.57 -18.60
N ASP A 448 13.96 -31.79 -18.80
CA ASP A 448 14.80 -32.42 -17.77
C ASP A 448 14.95 -31.50 -16.56
N MET A 449 14.94 -30.18 -16.77
CA MET A 449 15.03 -29.25 -15.64
C MET A 449 13.74 -29.25 -14.82
N ALA A 450 12.58 -29.28 -15.52
CA ALA A 450 11.26 -29.35 -14.88
C ALA A 450 11.15 -30.66 -14.07
N ASP A 451 11.68 -31.77 -14.62
CA ASP A 451 11.72 -33.10 -13.97
C ASP A 451 12.53 -33.09 -12.68
N LYS A 452 13.72 -32.44 -12.70
CA LYS A 452 14.61 -32.37 -11.54
C LYS A 452 14.07 -31.48 -10.43
N ILE A 453 13.37 -30.39 -10.79
CA ILE A 453 12.72 -29.48 -9.84
C ILE A 453 11.62 -30.27 -9.13
N LEU A 454 10.80 -31.04 -9.90
CA LEU A 454 9.71 -31.87 -9.39
C LEU A 454 10.19 -32.94 -8.42
N GLN A 455 11.27 -33.67 -8.75
CA GLN A 455 11.89 -34.68 -7.88
C GLN A 455 12.30 -34.01 -6.57
N LEU A 456 13.02 -32.88 -6.67
CA LEU A 456 13.53 -32.12 -5.53
C LEU A 456 12.46 -31.47 -4.63
N VAL A 457 11.44 -30.77 -5.21
CA VAL A 457 10.35 -30.15 -4.41
C VAL A 457 9.50 -31.17 -3.66
N ASN A 458 9.39 -32.40 -4.19
CA ASN A 458 8.57 -33.49 -3.63
C ASN A 458 9.35 -34.52 -2.81
N ASN A 459 10.60 -34.21 -2.44
CA ASN A 459 11.44 -35.09 -1.64
C ASN A 459 12.20 -34.25 -0.61
N ASP A 460 11.65 -34.18 0.63
CA ASP A 460 12.17 -33.40 1.75
C ASP A 460 13.59 -33.81 2.17
N VAL A 461 13.83 -35.14 2.31
CA VAL A 461 15.13 -35.70 2.70
C VAL A 461 16.23 -35.41 1.67
N LEU A 462 15.92 -35.56 0.36
CA LEU A 462 16.87 -35.30 -0.72
C LEU A 462 17.21 -33.82 -0.82
N ALA A 463 16.20 -32.93 -0.68
CA ALA A 463 16.38 -31.48 -0.71
C ALA A 463 17.29 -31.00 0.42
N ALA A 464 17.16 -31.60 1.62
CA ALA A 464 17.95 -31.27 2.80
C ALA A 464 19.38 -31.81 2.69
N GLU A 465 19.54 -33.03 2.13
CA GLU A 465 20.81 -33.74 1.93
C GLU A 465 21.67 -32.98 0.91
N PHE A 466 21.05 -32.58 -0.21
CA PHE A 466 21.69 -31.85 -1.31
C PHE A 466 22.19 -30.51 -0.80
N GLY A 467 21.33 -29.79 -0.08
CA GLY A 467 21.63 -28.49 0.50
C GLY A 467 22.79 -28.53 1.48
N SER A 468 22.78 -29.54 2.36
CA SER A 468 23.83 -29.76 3.38
C SER A 468 25.19 -29.99 2.70
N LYS A 469 25.25 -30.86 1.67
CA LYS A 469 26.47 -31.14 0.89
C LYS A 469 26.90 -29.88 0.11
N ALA A 470 25.92 -29.06 -0.37
CA ALA A 470 26.16 -27.82 -1.12
C ALA A 470 26.98 -26.81 -0.32
N ARG A 471 26.58 -26.53 0.94
CA ARG A 471 27.28 -25.56 1.84
C ARG A 471 28.70 -26.08 2.13
N GLU A 472 28.80 -27.39 2.44
CA GLU A 472 30.04 -28.11 2.69
C GLU A 472 31.01 -27.97 1.51
N ASN A 473 30.50 -28.09 0.26
CA ASN A 473 31.31 -27.97 -0.97
C ASN A 473 31.82 -26.56 -1.16
N ILE A 474 31.01 -25.54 -0.83
CA ILE A 474 31.42 -24.13 -0.96
C ILE A 474 32.51 -23.79 0.06
N ILE A 475 32.29 -24.19 1.33
CA ILE A 475 33.24 -23.97 2.43
C ILE A 475 34.60 -24.58 2.03
N GLU A 476 34.58 -25.82 1.57
CA GLU A 476 35.81 -26.50 1.19
C GLU A 476 36.57 -25.89 0.02
N LYS A 477 35.88 -25.52 -1.05
CA LYS A 477 36.55 -25.07 -2.25
C LYS A 477 36.76 -23.58 -2.45
N TYR A 478 36.13 -22.73 -1.61
CA TYR A 478 36.24 -21.28 -1.75
C TYR A 478 36.71 -20.57 -0.47
N SER A 479 37.76 -21.11 0.16
CA SER A 479 38.26 -20.49 1.40
C SER A 479 38.79 -19.08 1.14
N THR A 480 38.48 -18.17 2.05
CA THR A 480 38.91 -16.77 2.01
C THR A 480 40.43 -16.71 2.00
N GLU A 481 41.08 -17.66 2.75
CA GLU A 481 42.54 -17.75 2.86
C GLU A 481 43.20 -18.03 1.54
N SER A 482 42.72 -19.03 0.78
CA SER A 482 43.32 -19.37 -0.50
C SER A 482 43.15 -18.21 -1.52
N ILE A 483 41.97 -17.56 -1.53
CA ILE A 483 41.64 -16.46 -2.44
C ILE A 483 42.50 -15.26 -2.15
N LEU A 484 42.60 -14.88 -0.86
CA LEU A 484 43.47 -13.78 -0.44
C LEU A 484 44.93 -14.09 -0.75
N GLU A 485 45.40 -15.31 -0.53
CA GLU A 485 46.78 -15.68 -0.88
C GLU A 485 47.04 -15.61 -2.39
N LYS A 486 46.03 -15.91 -3.23
CA LYS A 486 46.13 -15.79 -4.68
C LYS A 486 46.36 -14.35 -5.11
N TRP A 487 45.63 -13.39 -4.50
CA TRP A 487 45.78 -11.96 -4.76
C TRP A 487 47.15 -11.48 -4.27
N LEU A 488 47.54 -11.86 -3.04
CA LEU A 488 48.83 -11.49 -2.41
C LEU A 488 50.04 -12.00 -3.22
N ASN A 489 49.92 -13.19 -3.81
CA ASN A 489 50.93 -13.79 -4.69
C ASN A 489 51.25 -12.84 -5.88
N LEU A 490 50.22 -12.21 -6.48
CA LEU A 490 50.35 -11.23 -7.57
C LEU A 490 50.91 -9.90 -7.09
N PHE A 491 50.35 -9.34 -5.99
CA PHE A 491 50.78 -8.06 -5.45
C PHE A 491 52.24 -8.07 -4.98
N ASN A 492 52.78 -9.24 -4.63
CA ASN A 492 54.16 -9.42 -4.09
C ASN A 492 55.23 -9.90 -5.10
N SER A 493 54.83 -10.34 -6.32
CA SER A 493 55.76 -10.82 -7.35
C SER A 493 56.66 -9.70 -7.90
N MET B 1 -50.20 11.81 -2.24
CA MET B 1 -51.09 11.56 -1.11
C MET B 1 -50.29 10.96 0.08
N LYS B 2 -50.04 9.63 0.08
CA LYS B 2 -49.24 9.00 1.14
C LYS B 2 -47.81 9.51 1.11
N LYS B 3 -47.25 9.75 2.30
CA LYS B 3 -45.85 10.14 2.49
C LYS B 3 -45.35 9.46 3.73
N ILE B 4 -44.14 8.91 3.64
CA ILE B 4 -43.49 8.14 4.68
C ILE B 4 -42.23 8.82 5.24
N PHE B 5 -42.08 8.76 6.56
CA PHE B 5 -40.95 9.32 7.33
C PHE B 5 -40.40 8.18 8.18
N MET B 6 -39.16 7.80 7.89
CA MET B 6 -38.49 6.67 8.48
C MET B 6 -37.39 7.14 9.39
N MET B 7 -37.52 6.84 10.67
CA MET B 7 -36.69 7.36 11.72
C MET B 7 -35.60 6.50 12.23
N VAL B 8 -34.43 7.10 12.34
CA VAL B 8 -33.21 6.47 12.84
C VAL B 8 -32.35 7.56 13.52
N HIS B 9 -31.43 7.14 14.40
CA HIS B 9 -30.54 8.09 15.09
C HIS B 9 -29.78 8.99 14.08
N GLU B 10 -29.02 8.37 13.16
CA GLU B 10 -28.17 9.07 12.20
C GLU B 10 -28.00 8.27 10.94
N LEU B 11 -27.41 8.93 9.91
CA LEU B 11 -26.97 8.32 8.67
C LEU B 11 -25.48 8.61 8.56
N ASP B 12 -24.72 7.61 8.12
CA ASP B 12 -23.28 7.72 7.90
C ASP B 12 -22.84 6.73 6.83
N VAL B 13 -21.61 6.89 6.35
CA VAL B 13 -21.00 6.09 5.26
C VAL B 13 -20.47 4.68 5.60
N ASN B 14 -20.29 4.35 6.88
CA ASN B 14 -19.68 3.04 7.23
C ASN B 14 -20.66 2.09 7.96
N LYS B 15 -21.93 2.10 7.58
CA LYS B 15 -22.97 1.39 8.35
C LYS B 15 -23.36 -0.02 7.90
N GLY B 16 -24.18 -0.69 8.73
CA GLY B 16 -24.68 -2.04 8.52
C GLY B 16 -26.07 -2.15 7.93
N GLY B 17 -26.73 -3.26 8.24
CA GLY B 17 -28.02 -3.65 7.68
C GLY B 17 -29.22 -2.78 7.94
N MET B 18 -29.32 -2.15 9.10
CA MET B 18 -30.49 -1.32 9.40
C MET B 18 -30.64 -0.17 8.44
N THR B 19 -29.57 0.61 8.21
CA THR B 19 -29.67 1.75 7.26
C THR B 19 -29.73 1.26 5.85
N SER B 20 -29.00 0.19 5.56
CA SER B 20 -29.02 -0.48 4.25
C SER B 20 -30.50 -0.83 3.89
N SER B 21 -31.26 -1.43 4.84
CA SER B 21 -32.67 -1.76 4.59
C SER B 21 -33.55 -0.51 4.43
N MET B 22 -33.25 0.56 5.17
CA MET B 22 -34.01 1.81 5.07
C MET B 22 -33.82 2.43 3.68
N PHE B 23 -32.58 2.43 3.17
CA PHE B 23 -32.23 2.96 1.84
C PHE B 23 -32.96 2.20 0.71
N ASN B 24 -32.98 0.85 0.83
CA ASN B 24 -33.64 0.03 -0.16
C ASN B 24 -35.16 0.15 -0.05
N ARG B 25 -35.68 0.26 1.19
CA ARG B 25 -37.12 0.47 1.42
C ARG B 25 -37.57 1.79 0.82
N SER B 26 -36.74 2.84 0.97
CA SER B 26 -37.05 4.16 0.40
C SER B 26 -37.16 4.05 -1.11
N LYS B 27 -36.18 3.37 -1.74
CA LYS B 27 -36.19 3.16 -3.20
C LYS B 27 -37.48 2.46 -3.65
N GLU B 28 -37.90 1.41 -2.92
CA GLU B 28 -39.11 0.66 -3.25
C GLU B 28 -40.40 1.46 -3.11
N PHE B 29 -40.53 2.27 -2.02
CA PHE B 29 -41.70 3.13 -1.85
C PHE B 29 -41.80 4.22 -2.93
N TYR B 30 -40.66 4.85 -3.28
CA TYR B 30 -40.60 5.86 -4.34
C TYR B 30 -41.01 5.27 -5.69
N ASP B 31 -40.60 4.02 -6.00
CA ASP B 31 -40.99 3.33 -7.25
C ASP B 31 -42.50 3.02 -7.27
N ALA B 32 -43.12 2.87 -6.10
CA ALA B 32 -44.55 2.61 -5.96
C ALA B 32 -45.31 3.94 -5.78
N ASP B 33 -44.61 5.06 -6.06
CA ASP B 33 -45.10 6.44 -6.00
C ASP B 33 -45.50 6.92 -4.59
N ILE B 34 -44.74 6.47 -3.57
CA ILE B 34 -44.92 6.86 -2.18
C ILE B 34 -43.59 7.49 -1.70
N PRO B 35 -43.46 8.84 -1.65
CA PRO B 35 -42.22 9.41 -1.09
C PRO B 35 -41.99 8.83 0.30
N ALA B 36 -40.77 8.32 0.54
CA ALA B 36 -40.38 7.71 1.78
C ALA B 36 -39.03 8.25 2.15
N ASP B 37 -39.01 9.24 3.05
CA ASP B 37 -37.79 9.92 3.46
C ASP B 37 -37.28 9.54 4.83
N ILE B 38 -36.01 9.85 5.11
CA ILE B 38 -35.34 9.48 6.36
C ILE B 38 -35.26 10.66 7.29
N VAL B 39 -35.64 10.47 8.57
CA VAL B 39 -35.56 11.50 9.62
C VAL B 39 -34.47 11.07 10.61
N THR B 40 -33.45 11.92 10.81
CA THR B 40 -32.34 11.70 11.76
C THR B 40 -32.40 12.75 12.87
N PHE B 41 -31.71 12.46 14.01
CA PHE B 41 -31.75 13.30 15.19
C PHE B 41 -30.37 13.72 15.71
N ASP B 42 -29.28 13.21 15.13
CA ASP B 42 -27.96 13.59 15.60
C ASP B 42 -27.50 14.93 14.98
N TYR B 43 -26.39 15.43 15.52
CA TYR B 43 -25.77 16.64 15.04
C TYR B 43 -24.49 16.28 14.33
N LYS B 44 -24.35 16.76 13.11
CA LYS B 44 -23.12 16.67 12.33
C LYS B 44 -22.92 18.06 11.72
N GLY B 45 -21.68 18.49 11.66
CA GLY B 45 -21.38 19.77 11.03
C GLY B 45 -21.32 19.65 9.52
N ASN B 46 -21.04 18.42 9.02
CA ASN B 46 -20.87 18.12 7.59
C ASN B 46 -21.89 17.10 7.03
N TYR B 47 -23.18 17.24 7.37
CA TYR B 47 -24.21 16.30 6.89
C TYR B 47 -24.35 16.27 5.37
N ASP B 48 -24.25 17.45 4.73
CA ASP B 48 -24.33 17.64 3.29
C ASP B 48 -23.30 16.75 2.56
N GLU B 49 -22.07 16.65 3.09
CA GLU B 49 -21.03 15.80 2.53
C GLU B 49 -21.28 14.30 2.73
N ILE B 50 -21.94 13.91 3.84
CA ILE B 50 -22.27 12.49 4.14
C ILE B 50 -23.31 12.02 3.10
N ILE B 51 -24.38 12.80 2.94
CA ILE B 51 -25.47 12.51 1.98
C ILE B 51 -24.96 12.35 0.54
N LYS B 52 -24.14 13.31 0.05
CA LYS B 52 -23.55 13.27 -1.30
C LYS B 52 -22.75 12.00 -1.48
N ALA B 53 -21.92 11.61 -0.47
CA ALA B 53 -21.10 10.40 -0.51
C ALA B 53 -21.96 9.13 -0.60
N LEU B 54 -23.03 9.03 0.23
CA LEU B 54 -23.95 7.88 0.25
C LEU B 54 -24.69 7.74 -1.08
N LYS B 55 -25.05 8.88 -1.70
CA LYS B 55 -25.73 8.88 -2.99
C LYS B 55 -24.78 8.52 -4.14
N LYS B 56 -23.54 9.06 -4.11
CA LYS B 56 -22.48 8.80 -5.09
C LYS B 56 -22.12 7.31 -5.11
N GLN B 57 -22.05 6.68 -3.92
CA GLN B 57 -21.77 5.26 -3.75
C GLN B 57 -22.92 4.35 -4.24
N GLY B 58 -24.09 4.94 -4.45
CA GLY B 58 -25.29 4.21 -4.85
C GLY B 58 -26.00 3.48 -3.72
N LYS B 59 -25.61 3.77 -2.43
CA LYS B 59 -26.23 3.18 -1.24
C LYS B 59 -27.59 3.83 -1.04
N MET B 60 -27.60 5.15 -1.02
CA MET B 60 -28.80 5.94 -0.82
C MET B 60 -29.34 6.37 -2.20
N ASP B 61 -30.62 6.11 -2.47
CA ASP B 61 -31.31 6.51 -3.70
C ASP B 61 -31.30 8.04 -3.79
N ARG B 62 -31.11 8.57 -5.01
CA ARG B 62 -31.07 10.01 -5.31
C ARG B 62 -32.32 10.76 -4.81
N ARG B 63 -33.49 10.10 -4.85
CA ARG B 63 -34.80 10.65 -4.44
C ARG B 63 -34.96 10.74 -2.92
N THR B 64 -34.23 9.89 -2.16
CA THR B 64 -34.34 9.91 -0.70
C THR B 64 -33.79 11.20 -0.09
N LYS B 65 -34.65 11.89 0.67
CA LYS B 65 -34.25 13.08 1.43
C LYS B 65 -33.93 12.63 2.84
N MET B 66 -33.01 13.35 3.49
CA MET B 66 -32.78 13.20 4.90
C MET B 66 -33.23 14.49 5.58
N TYR B 67 -34.22 14.36 6.47
CA TYR B 67 -34.68 15.46 7.33
C TYR B 67 -33.95 15.29 8.65
N ASN B 68 -33.26 16.32 9.11
CA ASN B 68 -32.53 16.28 10.37
C ASN B 68 -33.00 17.44 11.26
N VAL B 69 -33.18 17.17 12.56
CA VAL B 69 -33.67 18.14 13.56
C VAL B 69 -32.82 19.44 13.60
N PHE B 70 -31.48 19.31 13.66
CA PHE B 70 -30.59 20.48 13.70
C PHE B 70 -30.58 21.21 12.37
N GLU B 71 -30.60 20.46 11.25
CA GLU B 71 -30.66 21.04 9.89
C GLU B 71 -31.90 21.90 9.66
N TYR B 72 -33.04 21.44 10.17
CA TYR B 72 -34.33 22.14 10.05
C TYR B 72 -34.25 23.55 10.68
N PHE B 73 -33.75 23.64 11.94
CA PHE B 73 -33.66 24.93 12.62
C PHE B 73 -32.51 25.78 12.07
N LYS B 74 -31.44 25.11 11.57
CA LYS B 74 -30.28 25.80 10.98
C LYS B 74 -30.72 26.52 9.71
N GLN B 75 -31.53 25.85 8.88
CA GLN B 75 -32.06 26.38 7.62
C GLN B 75 -32.96 27.59 7.85
N ILE B 76 -33.81 27.55 8.91
CA ILE B 76 -34.67 28.70 9.30
C ILE B 76 -33.75 29.88 9.71
N SER B 77 -32.72 29.57 10.54
CA SER B 77 -31.75 30.55 11.03
C SER B 77 -30.99 31.25 9.90
N ASN B 78 -30.53 30.48 8.89
CA ASN B 78 -29.79 30.99 7.71
C ASN B 78 -30.53 32.12 7.01
N ASN B 79 -31.88 32.01 6.93
CA ASN B 79 -32.77 32.97 6.29
C ASN B 79 -32.88 34.30 7.01
N LYS B 80 -32.54 34.33 8.31
CA LYS B 80 -32.64 35.52 9.15
C LYS B 80 -31.61 36.65 8.79
N HIS B 81 -30.40 36.27 8.36
CA HIS B 81 -29.40 37.27 8.03
C HIS B 81 -28.93 37.18 6.58
N PHE B 82 -28.32 38.28 6.08
CA PHE B 82 -27.69 38.38 4.77
C PHE B 82 -26.17 38.38 5.02
N LYS B 83 -25.75 39.20 5.96
CA LYS B 83 -24.36 39.39 6.34
C LYS B 83 -23.93 38.27 7.33
N SER B 84 -22.68 37.83 7.26
CA SER B 84 -22.07 36.88 8.18
C SER B 84 -21.86 37.53 9.54
N ASN B 85 -21.85 36.73 10.60
CA ASN B 85 -21.68 37.22 11.96
C ASN B 85 -20.22 37.65 12.21
N LYS B 86 -19.83 38.83 11.67
CA LYS B 86 -18.47 39.36 11.77
C LYS B 86 -17.97 39.53 13.19
N LEU B 87 -18.87 39.91 14.13
CA LEU B 87 -18.51 40.14 15.53
C LEU B 87 -18.03 38.92 16.31
N LEU B 88 -18.54 37.73 15.96
CA LEU B 88 -18.10 36.51 16.62
C LEU B 88 -16.66 36.25 16.18
N TYR B 89 -16.36 36.41 14.88
CA TYR B 89 -15.02 36.21 14.34
C TYR B 89 -14.03 37.23 14.86
N LYS B 90 -14.48 38.49 15.04
CA LYS B 90 -13.68 39.61 15.56
C LYS B 90 -13.34 39.31 17.02
N HIS B 91 -14.35 38.86 17.82
CA HIS B 91 -14.21 38.47 19.24
C HIS B 91 -13.08 37.41 19.39
N ILE B 92 -13.10 36.34 18.54
CA ILE B 92 -12.09 35.27 18.52
C ILE B 92 -10.70 35.83 18.13
N SER B 93 -10.63 36.63 17.04
CA SER B 93 -9.40 37.28 16.55
C SER B 93 -8.78 38.23 17.59
N GLU B 94 -9.63 38.91 18.37
CA GLU B 94 -9.21 39.84 19.40
C GLU B 94 -8.70 39.14 20.65
N ARG B 95 -9.18 37.91 20.94
CA ARG B 95 -8.71 37.09 22.07
C ARG B 95 -7.34 36.53 21.73
N LEU B 96 -7.02 36.45 20.42
CA LEU B 96 -5.73 35.99 19.91
C LEU B 96 -4.82 37.18 19.57
N LYS B 97 -5.29 38.42 19.80
CA LYS B 97 -4.52 39.63 19.53
C LYS B 97 -3.44 39.80 20.60
N ASN B 98 -2.22 40.15 20.14
CA ASN B 98 -1.00 40.34 20.94
C ASN B 98 -0.61 39.11 21.78
N THR B 99 -0.38 38.01 21.05
CA THR B 99 0.01 36.70 21.54
C THR B 99 1.24 36.22 20.74
N ILE B 100 1.92 35.17 21.23
CA ILE B 100 3.08 34.57 20.57
C ILE B 100 2.66 33.18 20.14
N GLU B 101 2.65 32.95 18.82
CA GLU B 101 2.27 31.66 18.25
C GLU B 101 3.46 30.71 18.33
N ILE B 102 3.24 29.52 18.92
CA ILE B 102 4.24 28.48 19.04
C ILE B 102 3.71 27.20 18.40
N GLU B 103 4.36 26.79 17.30
CA GLU B 103 3.99 25.61 16.53
C GLU B 103 4.59 24.35 17.15
N GLU B 104 3.77 23.31 17.26
CA GLU B 104 4.12 21.98 17.78
C GLU B 104 4.33 21.07 16.56
N SER B 105 3.43 21.18 15.57
CA SER B 105 3.40 20.42 14.32
C SER B 105 2.77 21.32 13.24
N LYS B 106 2.40 20.74 12.09
CA LYS B 106 1.70 21.47 11.04
C LYS B 106 0.23 21.30 11.40
N GLY B 107 -0.45 22.43 11.61
CA GLY B 107 -1.85 22.47 12.02
C GLY B 107 -2.04 22.71 13.50
N ILE B 108 -1.05 22.32 14.33
CA ILE B 108 -1.07 22.47 15.78
C ILE B 108 -0.22 23.66 16.25
N SER B 109 -0.86 24.64 16.92
CA SER B 109 -0.22 25.85 17.46
C SER B 109 -0.81 26.28 18.81
N ARG B 110 0.06 26.78 19.70
CA ARG B 110 -0.28 27.28 21.04
C ARG B 110 0.01 28.76 21.12
N TYR B 111 -0.84 29.49 21.83
CA TYR B 111 -0.73 30.95 21.90
C TYR B 111 -0.56 31.40 23.32
N PHE B 112 0.38 32.32 23.54
CA PHE B 112 0.72 32.82 24.86
C PHE B 112 0.70 34.35 24.88
N ASP B 113 0.19 34.98 25.96
CA ASP B 113 0.19 36.45 26.06
C ASP B 113 1.66 36.96 26.09
N ILE B 114 1.91 38.16 25.56
CA ILE B 114 3.28 38.68 25.49
C ILE B 114 3.78 39.16 26.86
N THR B 115 3.06 40.13 27.47
CA THR B 115 3.38 40.75 28.76
C THR B 115 3.34 39.78 29.95
N THR B 116 2.29 38.93 30.04
CA THR B 116 2.13 37.98 31.15
C THR B 116 2.60 36.52 30.87
N ARG B 117 2.96 36.21 29.61
CA ARG B 117 3.38 34.89 29.11
C ARG B 117 2.41 33.69 29.35
N THR B 118 1.15 33.99 29.75
CA THR B 118 0.11 33.00 30.04
C THR B 118 -0.43 32.26 28.81
N TYR B 119 -0.93 31.03 29.02
CA TYR B 119 -1.49 30.15 28.00
C TYR B 119 -2.91 30.59 27.60
N ILE B 120 -3.03 31.25 26.43
CA ILE B 120 -4.27 31.79 25.88
C ILE B 120 -5.12 30.73 25.15
N ALA B 121 -4.55 30.12 24.09
CA ALA B 121 -5.29 29.15 23.28
C ALA B 121 -4.46 28.07 22.64
N TYR B 122 -5.16 27.02 22.23
CA TYR B 122 -4.65 25.88 21.49
C TYR B 122 -5.50 25.78 20.18
N ILE B 123 -4.84 25.74 19.00
CA ILE B 123 -5.50 25.60 17.70
C ILE B 123 -4.96 24.38 16.96
N ARG B 124 -5.85 23.48 16.56
CA ARG B 124 -5.52 22.26 15.81
C ARG B 124 -6.27 22.28 14.46
N LYS B 125 -5.55 22.54 13.36
CA LYS B 125 -6.07 22.58 11.99
C LYS B 125 -5.83 21.21 11.33
N SER B 126 -6.90 20.55 10.89
CA SER B 126 -6.82 19.25 10.24
C SER B 126 -7.78 19.11 9.07
N LYS B 127 -7.24 19.15 7.83
CA LYS B 127 -7.98 19.06 6.56
C LYS B 127 -8.96 20.25 6.40
N SER B 128 -10.28 20.00 6.45
CA SER B 128 -11.31 21.04 6.34
C SER B 128 -11.75 21.56 7.75
N GLU B 129 -11.24 20.91 8.82
CA GLU B 129 -11.55 21.16 10.22
C GLU B 129 -10.52 22.01 10.99
N LYS B 130 -11.03 22.76 11.98
CA LYS B 130 -10.26 23.60 12.89
C LYS B 130 -10.96 23.61 14.24
N VAL B 131 -10.17 23.58 15.29
CA VAL B 131 -10.62 23.60 16.67
C VAL B 131 -9.80 24.67 17.39
N ILE B 132 -10.48 25.57 18.15
CA ILE B 132 -9.81 26.59 18.94
C ILE B 132 -10.26 26.42 20.39
N ASP B 133 -9.33 25.97 21.24
CA ASP B 133 -9.57 25.77 22.67
C ASP B 133 -9.02 26.97 23.40
N PHE B 134 -9.88 27.62 24.22
CA PHE B 134 -9.47 28.78 25.01
C PHE B 134 -9.23 28.37 26.47
N PHE B 135 -8.21 28.97 27.10
CA PHE B 135 -7.78 28.65 28.46
C PHE B 135 -7.84 29.83 29.41
N LYS B 136 -8.15 29.54 30.69
CA LYS B 136 -8.11 30.51 31.81
C LYS B 136 -7.57 29.77 33.02
N ASP B 137 -6.45 30.28 33.59
CA ASP B 137 -5.75 29.69 34.74
C ASP B 137 -5.35 28.24 34.44
N ASN B 138 -4.76 28.05 33.22
CA ASN B 138 -4.27 26.79 32.64
C ASN B 138 -5.33 25.70 32.45
N LYS B 139 -6.62 26.10 32.44
CA LYS B 139 -7.74 25.16 32.24
C LYS B 139 -8.60 25.59 31.06
N ARG B 140 -8.93 24.62 30.18
CA ARG B 140 -9.74 24.82 28.99
C ARG B 140 -11.15 25.20 29.42
N ILE B 141 -11.58 26.39 29.01
CA ILE B 141 -12.92 26.89 29.34
C ILE B 141 -13.92 26.65 28.20
N GLU B 142 -13.44 26.76 26.95
CA GLU B 142 -14.28 26.55 25.77
C GLU B 142 -13.55 26.10 24.52
N ARG B 143 -14.33 25.56 23.58
CA ARG B 143 -13.87 25.11 22.29
C ARG B 143 -14.80 25.59 21.17
N PHE B 144 -14.23 26.28 20.17
CA PHE B 144 -14.93 26.67 18.95
C PHE B 144 -14.50 25.66 17.85
N SER B 145 -15.49 25.02 17.20
CA SER B 145 -15.30 24.06 16.13
C SER B 145 -15.69 24.68 14.78
N PHE B 146 -14.81 24.56 13.79
CA PHE B 146 -14.94 25.13 12.46
C PHE B 146 -14.83 24.06 11.37
N ILE B 147 -15.56 24.28 10.25
CA ILE B 147 -15.52 23.51 9.00
C ILE B 147 -15.39 24.57 7.90
N ASP B 148 -14.31 24.48 7.09
CA ASP B 148 -13.95 25.42 6.02
C ASP B 148 -13.89 26.86 6.56
N ASN B 149 -13.22 27.05 7.73
CA ASN B 149 -13.06 28.33 8.45
C ASN B 149 -14.35 28.98 8.97
N LYS B 150 -15.43 28.23 9.00
CA LYS B 150 -16.72 28.71 9.48
C LYS B 150 -17.11 28.00 10.78
N VAL B 151 -17.37 28.79 11.84
CA VAL B 151 -17.78 28.25 13.14
C VAL B 151 -19.12 27.49 13.00
N HIS B 152 -19.24 26.32 13.62
CA HIS B 152 -20.51 25.58 13.59
C HIS B 152 -20.96 25.26 15.00
N MET B 153 -20.03 25.26 15.95
CA MET B 153 -20.32 24.89 17.33
C MET B 153 -19.36 25.52 18.33
N LYS B 154 -19.87 25.79 19.53
CA LYS B 154 -19.11 26.25 20.69
C LYS B 154 -19.49 25.30 21.85
N GLU B 155 -18.48 24.75 22.53
CA GLU B 155 -18.72 23.91 23.69
C GLU B 155 -18.09 24.59 24.89
N THR B 156 -18.78 24.53 26.04
CA THR B 156 -18.27 25.10 27.29
C THR B 156 -17.86 23.95 28.21
N PHE B 157 -16.70 24.09 28.88
CA PHE B 157 -16.16 23.04 29.76
C PHE B 157 -16.20 23.41 31.26
N ASN B 158 -16.48 22.41 32.11
CA ASN B 158 -16.50 22.56 33.58
C ASN B 158 -15.07 22.33 34.16
N VAL B 159 -14.97 22.29 35.51
CA VAL B 159 -13.72 22.05 36.27
C VAL B 159 -13.00 20.73 35.92
N ASP B 160 -13.77 19.70 35.56
CA ASP B 160 -13.28 18.37 35.20
C ASP B 160 -12.99 18.26 33.68
N ASN B 161 -12.97 19.43 32.97
CA ASN B 161 -12.78 19.54 31.52
C ASN B 161 -13.78 18.70 30.73
N LYS B 162 -15.03 18.63 31.23
CA LYS B 162 -16.14 17.93 30.58
C LYS B 162 -17.13 18.96 30.02
N VAL B 163 -17.82 18.62 28.91
CA VAL B 163 -18.80 19.50 28.23
C VAL B 163 -20.05 19.71 29.10
N CYS B 164 -20.35 20.96 29.44
CA CYS B 164 -21.53 21.29 30.22
C CYS B 164 -22.56 22.15 29.44
N TYR B 165 -22.15 22.69 28.28
CA TYR B 165 -22.98 23.58 27.47
C TYR B 165 -22.53 23.58 26.03
N GLN B 166 -23.51 23.62 25.09
CA GLN B 166 -23.25 23.70 23.66
C GLN B 166 -24.11 24.74 23.00
N VAL B 167 -23.51 25.43 22.03
CA VAL B 167 -24.16 26.42 21.17
C VAL B 167 -23.89 25.98 19.72
N PHE B 168 -24.94 25.93 18.89
CA PHE B 168 -24.82 25.61 17.48
C PHE B 168 -25.00 26.87 16.67
N TYR B 169 -24.16 27.05 15.63
CA TYR B 169 -24.15 28.25 14.78
C TYR B 169 -24.51 27.91 13.35
N ASP B 170 -25.32 28.74 12.73
CA ASP B 170 -25.79 28.54 11.35
C ASP B 170 -24.67 28.78 10.29
N GLU B 171 -25.02 28.72 9.00
CA GLU B 171 -24.10 28.92 7.89
C GLU B 171 -23.48 30.32 7.83
N LYS B 172 -24.09 31.33 8.51
CA LYS B 172 -23.56 32.69 8.59
C LYS B 172 -22.87 32.99 9.92
N GLY B 173 -22.81 32.01 10.83
CA GLY B 173 -22.14 32.17 12.10
C GLY B 173 -22.99 32.69 13.23
N TYR B 174 -24.32 32.59 13.08
CA TYR B 174 -25.25 33.04 14.14
C TYR B 174 -25.73 31.85 15.00
N PRO B 175 -25.85 32.00 16.33
CA PRO B 175 -26.37 30.87 17.14
C PRO B 175 -27.86 30.66 16.91
N TYR B 176 -28.30 29.37 16.81
CA TYR B 176 -29.71 29.03 16.55
C TYR B 176 -30.31 28.09 17.59
N ILE B 177 -29.44 27.38 18.32
CA ILE B 177 -29.75 26.45 19.41
C ILE B 177 -28.63 26.57 20.46
N SER B 178 -29.01 26.61 21.76
CA SER B 178 -28.10 26.58 22.91
C SER B 178 -28.70 25.53 23.84
N ARG B 179 -27.86 24.74 24.51
CA ARG B 179 -28.38 23.67 25.38
C ARG B 179 -27.42 23.27 26.48
N ASN B 180 -28.00 22.85 27.60
CA ASN B 180 -27.23 22.40 28.77
C ASN B 180 -26.89 20.98 28.58
N ILE B 181 -25.69 20.59 29.03
CA ILE B 181 -25.23 19.20 28.94
C ILE B 181 -24.87 18.75 30.35
N ASN B 182 -25.48 17.66 30.81
CA ASN B 182 -25.20 17.07 32.14
C ASN B 182 -23.83 16.38 31.98
N ALA B 183 -22.77 17.01 32.48
CA ALA B 183 -21.39 16.50 32.36
C ALA B 183 -21.14 15.10 32.96
N ASN B 184 -21.98 14.66 33.92
CA ASN B 184 -21.83 13.33 34.54
C ASN B 184 -22.14 12.19 33.58
N ASN B 185 -23.13 12.36 32.67
CA ASN B 185 -23.53 11.32 31.71
C ASN B 185 -23.62 11.77 30.25
N GLY B 186 -23.33 13.04 29.99
CA GLY B 186 -23.40 13.61 28.66
C GLY B 186 -24.80 13.77 28.10
N ALA B 187 -25.84 13.66 28.95
CA ALA B 187 -27.23 13.81 28.51
C ALA B 187 -27.57 15.29 28.29
N VAL B 188 -28.48 15.53 27.34
CA VAL B 188 -28.91 16.87 26.97
C VAL B 188 -30.04 17.33 27.91
N GLY B 189 -29.84 18.49 28.49
CA GLY B 189 -30.82 19.11 29.37
C GLY B 189 -31.64 20.13 28.62
N LYS B 190 -31.96 21.24 29.31
CA LYS B 190 -32.74 22.34 28.72
C LYS B 190 -32.11 22.83 27.43
N THR B 191 -32.90 22.83 26.35
CA THR B 191 -32.51 23.25 25.02
C THR B 191 -33.33 24.47 24.61
N TYR B 192 -32.66 25.50 24.11
CA TYR B 192 -33.30 26.73 23.65
C TYR B 192 -33.09 26.89 22.18
N VAL B 193 -34.20 27.00 21.45
CA VAL B 193 -34.18 27.23 20.02
C VAL B 193 -34.39 28.73 19.87
N LEU B 194 -33.28 29.44 19.66
CA LEU B 194 -33.22 30.90 19.53
C LEU B 194 -34.09 31.41 18.42
N VAL B 195 -34.15 30.68 17.28
CA VAL B 195 -34.92 31.05 16.08
C VAL B 195 -36.44 31.20 16.26
N ASN B 196 -37.07 30.41 17.14
CA ASN B 196 -38.51 30.55 17.39
C ASN B 196 -38.82 30.91 18.86
N LYS B 197 -37.79 31.21 19.66
CA LYS B 197 -37.91 31.53 21.08
C LYS B 197 -38.62 30.42 21.90
N LYS B 198 -38.36 29.16 21.55
CA LYS B 198 -38.95 28.04 22.28
C LYS B 198 -37.91 27.26 23.03
N GLU B 199 -38.24 26.91 24.27
CA GLU B 199 -37.37 26.11 25.12
C GLU B 199 -37.97 24.74 25.32
N PHE B 200 -37.10 23.71 25.40
CA PHE B 200 -37.53 22.32 25.57
C PHE B 200 -36.79 21.77 26.76
N LYS B 201 -37.43 20.88 27.54
CA LYS B 201 -36.79 20.33 28.75
C LYS B 201 -35.59 19.44 28.52
N ASN B 202 -35.54 18.79 27.35
CA ASN B 202 -34.48 17.89 26.95
C ASN B 202 -34.57 17.62 25.44
N ASN B 203 -33.64 16.83 24.90
CA ASN B 203 -33.59 16.48 23.48
C ASN B 203 -34.83 15.73 22.97
N LEU B 204 -35.40 14.82 23.77
CA LEU B 204 -36.60 14.08 23.37
C LEU B 204 -37.74 15.04 23.12
N ALA B 205 -37.96 16.03 24.04
CA ALA B 205 -38.99 17.06 23.90
C ALA B 205 -38.76 17.85 22.60
N LEU B 206 -37.50 18.24 22.30
CA LEU B 206 -37.16 18.98 21.08
C LEU B 206 -37.56 18.12 19.85
N CYS B 207 -37.11 16.84 19.85
CA CYS B 207 -37.40 15.90 18.74
C CYS B 207 -38.86 15.60 18.55
N VAL B 208 -39.62 15.54 19.64
CA VAL B 208 -41.08 15.34 19.57
C VAL B 208 -41.72 16.55 18.90
N TYR B 209 -41.31 17.77 19.31
CA TYR B 209 -41.83 19.01 18.72
C TYR B 209 -41.53 19.02 17.23
N TYR B 210 -40.27 18.72 16.87
CA TYR B 210 -39.78 18.70 15.50
C TYR B 210 -40.63 17.82 14.58
N LEU B 211 -40.95 16.59 15.01
CA LEU B 211 -41.79 15.64 14.28
C LEU B 211 -43.20 16.16 14.09
N GLU B 212 -43.73 16.91 15.10
CA GLU B 212 -45.08 17.50 15.01
C GLU B 212 -45.08 18.65 14.00
N LYS B 213 -43.94 19.35 13.88
CA LYS B 213 -43.74 20.45 12.93
C LYS B 213 -43.48 19.89 11.49
N LEU B 214 -42.65 18.84 11.38
CA LEU B 214 -42.33 18.22 10.11
C LEU B 214 -43.46 17.44 9.48
N ILE B 215 -44.17 16.64 10.26
CA ILE B 215 -45.18 15.71 9.75
C ILE B 215 -46.60 16.16 10.04
N LYS B 216 -47.38 16.44 8.98
CA LYS B 216 -48.76 16.87 9.14
C LYS B 216 -49.66 15.78 9.69
N ASP B 217 -50.60 16.18 10.55
CA ASP B 217 -51.53 15.24 11.18
C ASP B 217 -52.64 14.74 10.25
N SER B 218 -52.23 13.96 9.26
CA SER B 218 -53.08 13.35 8.24
C SER B 218 -52.88 11.85 8.21
N LYS B 219 -53.95 11.09 7.93
CA LYS B 219 -53.95 9.63 7.80
C LYS B 219 -52.99 9.17 6.67
N ASP B 220 -52.65 10.09 5.75
CA ASP B 220 -51.73 9.87 4.64
C ASP B 220 -50.27 9.96 5.10
N SER B 221 -50.02 10.60 6.27
CA SER B 221 -48.69 10.72 6.86
C SER B 221 -48.39 9.45 7.61
N ILE B 222 -47.28 8.79 7.26
CA ILE B 222 -46.87 7.52 7.88
C ILE B 222 -45.49 7.66 8.48
N MET B 223 -45.38 7.35 9.79
CA MET B 223 -44.11 7.34 10.50
C MET B 223 -43.69 5.89 10.71
N ILE B 224 -42.45 5.59 10.36
CA ILE B 224 -41.89 4.24 10.56
C ILE B 224 -40.66 4.43 11.41
N CYS B 225 -40.65 3.86 12.59
CA CYS B 225 -39.48 3.99 13.42
C CYS B 225 -38.63 2.76 13.30
N ASP B 226 -37.41 2.93 12.77
CA ASP B 226 -36.41 1.88 12.55
C ASP B 226 -35.39 1.81 13.69
N GLY B 227 -34.88 2.96 14.14
CA GLY B 227 -33.94 2.98 15.26
C GLY B 227 -34.67 2.70 16.55
N PRO B 228 -34.42 1.57 17.24
CA PRO B 228 -35.21 1.27 18.46
C PRO B 228 -35.18 2.29 19.58
N GLY B 229 -34.00 2.87 19.81
CA GLY B 229 -33.83 3.90 20.84
C GLY B 229 -34.59 5.17 20.48
N SER B 230 -34.95 5.34 19.18
CA SER B 230 -35.70 6.49 18.68
C SER B 230 -37.21 6.36 18.84
N PHE B 231 -37.71 5.17 19.23
CA PHE B 231 -39.15 4.92 19.36
C PHE B 231 -39.90 5.95 20.21
N PRO B 232 -39.39 6.38 21.41
CA PRO B 232 -40.12 7.42 22.17
C PRO B 232 -40.35 8.74 21.42
N LYS B 233 -39.45 9.14 20.50
CA LYS B 233 -39.66 10.37 19.72
C LYS B 233 -40.94 10.29 18.90
N MET B 234 -41.17 9.13 18.22
CA MET B 234 -42.39 8.91 17.44
C MET B 234 -43.57 8.69 18.38
N PHE B 235 -43.41 7.78 19.36
CA PHE B 235 -44.47 7.43 20.29
C PHE B 235 -45.10 8.63 21.02
N ASN B 236 -44.28 9.55 21.55
CA ASN B 236 -44.74 10.71 22.32
C ASN B 236 -45.37 11.86 21.51
N THR B 237 -45.35 11.84 20.15
CA THR B 237 -45.96 12.94 19.40
C THR B 237 -47.49 12.97 19.64
N ASN B 238 -48.10 14.13 19.47
CA ASN B 238 -49.52 14.37 19.68
C ASN B 238 -50.41 14.02 18.48
N HIS B 239 -49.84 13.49 17.37
CA HIS B 239 -50.58 13.14 16.12
C HIS B 239 -51.76 12.27 16.44
N LYS B 240 -52.94 12.63 15.91
CA LYS B 240 -54.19 11.90 16.12
C LYS B 240 -54.55 11.07 14.90
N ASN B 241 -54.05 11.44 13.70
CA ASN B 241 -54.38 10.76 12.45
C ASN B 241 -53.19 10.07 11.80
N ALA B 242 -51.99 10.68 11.88
CA ALA B 242 -50.78 10.12 11.29
C ALA B 242 -50.55 8.72 11.82
N GLN B 243 -50.09 7.82 10.93
CA GLN B 243 -49.82 6.44 11.29
C GLN B 243 -48.45 6.28 11.93
N LYS B 244 -48.37 5.31 12.88
CA LYS B 244 -47.13 5.01 13.59
C LYS B 244 -46.81 3.54 13.54
N TYR B 245 -45.60 3.23 13.05
CA TYR B 245 -45.10 1.84 12.96
C TYR B 245 -43.74 1.76 13.52
N GLY B 246 -43.44 0.63 14.14
CA GLY B 246 -42.12 0.35 14.67
C GLY B 246 -41.60 -0.86 13.92
N VAL B 247 -40.35 -0.81 13.41
CA VAL B 247 -39.75 -1.97 12.76
C VAL B 247 -38.65 -2.49 13.72
N ILE B 248 -38.79 -3.76 14.17
CA ILE B 248 -37.80 -4.41 15.00
C ILE B 248 -36.82 -5.13 14.04
N HIS B 249 -35.55 -4.72 14.08
CA HIS B 249 -34.53 -5.22 13.17
C HIS B 249 -33.70 -6.35 13.73
N VAL B 250 -33.87 -6.66 15.02
CA VAL B 250 -33.02 -7.64 15.69
C VAL B 250 -33.81 -8.71 16.44
N ASN B 251 -33.10 -9.73 16.90
CA ASN B 251 -33.66 -10.71 17.83
C ASN B 251 -33.91 -9.89 19.13
N HIS B 252 -35.17 -9.88 19.61
CA HIS B 252 -35.62 -9.08 20.75
C HIS B 252 -35.09 -9.61 22.11
N HIS B 253 -34.46 -10.79 22.12
CA HIS B 253 -33.89 -11.28 23.39
C HIS B 253 -32.54 -10.61 23.57
N GLU B 254 -32.12 -10.46 24.84
CA GLU B 254 -30.81 -9.93 25.18
C GLU B 254 -29.74 -10.91 24.68
N ASN B 255 -28.72 -10.33 24.03
CA ASN B 255 -27.59 -11.04 23.47
C ASN B 255 -26.74 -11.54 24.61
N PHE B 256 -26.09 -12.70 24.41
CA PHE B 256 -25.19 -13.34 25.38
C PHE B 256 -25.81 -13.44 26.78
N ASP B 257 -27.06 -13.92 26.83
CA ASP B 257 -27.84 -14.03 28.07
C ASP B 257 -28.51 -15.40 28.16
N ASP B 258 -28.37 -16.05 29.33
CA ASP B 258 -28.99 -17.36 29.56
C ASP B 258 -30.23 -17.27 30.44
N THR B 259 -30.52 -16.07 30.96
CA THR B 259 -31.68 -15.80 31.81
C THR B 259 -32.96 -15.56 31.02
N GLY B 260 -32.82 -15.42 29.71
CA GLY B 260 -33.96 -15.21 28.83
C GLY B 260 -34.42 -13.76 28.72
N ALA B 261 -33.68 -12.80 29.37
CA ALA B 261 -33.96 -11.35 29.35
C ALA B 261 -34.22 -10.77 27.93
N PHE B 262 -35.04 -9.72 27.85
CA PHE B 262 -35.37 -9.03 26.63
C PHE B 262 -34.61 -7.73 26.54
N LYS B 263 -34.22 -7.30 25.32
CA LYS B 263 -33.53 -6.02 25.10
C LYS B 263 -34.50 -4.91 25.51
N LYS B 264 -34.03 -3.93 26.31
CA LYS B 264 -34.87 -2.85 26.83
C LYS B 264 -35.62 -2.05 25.76
N SER B 265 -34.93 -1.55 24.70
CA SER B 265 -35.60 -0.74 23.66
C SER B 265 -36.68 -1.52 22.94
N GLU B 266 -36.34 -2.70 22.42
CA GLU B 266 -37.27 -3.59 21.71
C GLU B 266 -38.44 -4.02 22.58
N LYS B 267 -38.22 -4.22 23.90
CA LYS B 267 -39.28 -4.63 24.84
C LYS B 267 -40.35 -3.54 24.95
N TYR B 268 -39.89 -2.27 25.00
CA TYR B 268 -40.76 -1.10 25.07
C TYR B 268 -41.61 -0.95 23.77
N ILE B 269 -41.01 -1.20 22.62
CA ILE B 269 -41.71 -1.15 21.33
C ILE B 269 -42.82 -2.22 21.30
N ILE B 270 -42.46 -3.49 21.57
CA ILE B 270 -43.37 -4.63 21.60
C ILE B 270 -44.54 -4.43 22.58
N GLU B 271 -44.24 -4.03 23.80
CA GLU B 271 -45.26 -3.81 24.82
C GLU B 271 -46.27 -2.72 24.48
N ASN B 272 -45.86 -1.78 23.61
CA ASN B 272 -46.70 -0.68 23.15
C ASN B 272 -47.30 -0.87 21.75
N ALA B 273 -47.17 -2.09 21.15
CA ALA B 273 -47.66 -2.41 19.79
C ALA B 273 -49.14 -2.11 19.60
N ASN B 274 -49.97 -2.43 20.61
CA ASN B 274 -51.41 -2.22 20.55
C ASN B 274 -51.82 -0.75 20.58
N LYS B 275 -50.90 0.15 20.94
CA LYS B 275 -51.18 1.59 21.02
C LYS B 275 -50.78 2.33 19.74
N ILE B 276 -50.17 1.64 18.74
CA ILE B 276 -49.76 2.25 17.46
C ILE B 276 -50.37 1.45 16.29
N ASN B 277 -50.04 1.78 15.04
CA ASN B 277 -50.62 1.03 13.94
C ASN B 277 -50.03 -0.39 13.77
N GLY B 278 -48.81 -0.61 14.28
CA GLY B 278 -48.21 -1.92 14.17
C GLY B 278 -46.73 -1.98 14.45
N VAL B 279 -46.30 -3.14 14.94
CA VAL B 279 -44.89 -3.43 15.17
C VAL B 279 -44.51 -4.52 14.19
N ILE B 280 -43.52 -4.23 13.35
CA ILE B 280 -43.07 -5.13 12.28
C ILE B 280 -41.84 -5.89 12.69
N VAL B 281 -41.86 -7.22 12.45
CA VAL B 281 -40.71 -8.09 12.63
C VAL B 281 -40.40 -8.67 11.27
N LEU B 282 -39.17 -9.16 11.08
CA LEU B 282 -38.75 -9.60 9.76
C LEU B 282 -39.10 -11.01 9.39
N THR B 283 -39.33 -11.90 10.38
CA THR B 283 -39.62 -13.32 10.10
C THR B 283 -40.88 -13.75 10.82
N GLU B 284 -41.53 -14.83 10.32
CA GLU B 284 -42.73 -15.40 10.94
C GLU B 284 -42.41 -15.98 12.32
N ALA B 285 -41.22 -16.59 12.47
CA ALA B 285 -40.83 -17.22 13.75
C ALA B 285 -40.73 -16.22 14.88
N GLN B 286 -40.16 -15.03 14.61
CA GLN B 286 -40.08 -13.99 15.66
C GLN B 286 -41.46 -13.51 16.06
N ARG B 287 -42.39 -13.34 15.09
CA ARG B 287 -43.75 -12.89 15.37
C ARG B 287 -44.46 -13.86 16.32
N LEU B 288 -44.33 -15.17 16.07
CA LEU B 288 -44.93 -16.19 16.92
C LEU B 288 -44.30 -16.19 18.32
N ASP B 289 -42.97 -16.07 18.40
CA ASP B 289 -42.27 -15.99 19.70
C ASP B 289 -42.75 -14.79 20.49
N ILE B 290 -42.91 -13.65 19.84
CA ILE B 290 -43.36 -12.43 20.52
C ILE B 290 -44.81 -12.59 21.03
N LEU B 291 -45.70 -13.13 20.19
CA LEU B 291 -47.11 -13.34 20.54
C LEU B 291 -47.27 -14.30 21.70
N ASN B 292 -46.39 -15.33 21.79
CA ASN B 292 -46.43 -16.30 22.88
C ASN B 292 -45.93 -15.71 24.19
N GLN B 293 -44.90 -14.82 24.15
CA GLN B 293 -44.21 -14.15 25.27
C GLN B 293 -44.86 -12.85 25.77
N PHE B 294 -45.62 -12.12 24.92
CA PHE B 294 -46.20 -10.80 25.26
C PHE B 294 -47.73 -10.72 25.08
N ASP B 295 -48.39 -9.83 25.88
CA ASP B 295 -49.84 -9.59 25.79
C ASP B 295 -50.16 -8.46 24.80
N VAL B 296 -49.84 -8.69 23.50
CA VAL B 296 -50.04 -7.75 22.37
C VAL B 296 -50.51 -8.50 21.13
N GLU B 297 -51.21 -7.82 20.22
CA GLU B 297 -51.71 -8.46 18.99
C GLU B 297 -51.12 -7.87 17.70
N ASN B 298 -50.88 -6.54 17.67
CA ASN B 298 -50.36 -5.73 16.56
C ASN B 298 -48.92 -6.02 16.11
N ILE B 299 -48.58 -7.29 15.93
CA ILE B 299 -47.28 -7.77 15.48
C ILE B 299 -47.46 -8.33 14.08
N PHE B 300 -46.70 -7.79 13.13
CA PHE B 300 -46.82 -8.19 11.72
C PHE B 300 -45.48 -8.59 11.16
N THR B 301 -45.46 -9.67 10.37
CA THR B 301 -44.23 -10.09 9.73
C THR B 301 -44.14 -9.44 8.36
N ILE B 302 -43.08 -8.69 8.12
CA ILE B 302 -42.80 -8.13 6.80
C ILE B 302 -41.29 -8.23 6.60
N SER B 303 -40.85 -9.07 5.66
CA SER B 303 -39.43 -9.23 5.32
C SER B 303 -38.84 -7.89 4.86
N ASN B 304 -37.50 -7.75 4.98
CA ASN B 304 -36.83 -6.61 4.36
C ASN B 304 -37.02 -6.79 2.85
N PHE B 305 -37.06 -5.65 2.11
CA PHE B 305 -37.09 -5.72 0.66
C PHE B 305 -35.74 -6.28 0.23
N VAL B 306 -35.72 -6.99 -0.90
CA VAL B 306 -34.50 -7.57 -1.44
C VAL B 306 -34.17 -6.99 -2.83
N LYS B 307 -32.91 -6.61 -3.04
CA LYS B 307 -32.45 -6.04 -4.30
C LYS B 307 -31.83 -7.14 -5.12
N ILE B 308 -32.57 -7.62 -6.13
CA ILE B 308 -32.08 -8.65 -7.02
C ILE B 308 -31.47 -8.00 -8.26
N HIS B 309 -30.15 -7.93 -8.27
CA HIS B 309 -29.38 -7.41 -9.40
C HIS B 309 -29.05 -8.60 -10.28
N ASN B 310 -28.06 -8.44 -11.17
CA ASN B 310 -27.63 -9.52 -12.05
C ASN B 310 -26.68 -10.43 -11.33
N ALA B 311 -26.72 -11.72 -11.71
CA ALA B 311 -25.83 -12.75 -11.19
C ALA B 311 -24.41 -12.41 -11.69
N PRO B 312 -23.35 -12.62 -10.88
CA PRO B 312 -21.98 -12.29 -11.34
C PRO B 312 -21.57 -13.04 -12.59
N LYS B 313 -20.57 -12.49 -13.32
CA LYS B 313 -20.04 -13.02 -14.59
C LYS B 313 -19.94 -14.55 -14.54
N HIS B 314 -19.07 -15.06 -13.67
CA HIS B 314 -18.81 -16.49 -13.50
C HIS B 314 -18.58 -16.78 -12.02
N PHE B 315 -18.72 -18.06 -11.65
CA PHE B 315 -18.48 -18.54 -10.29
C PHE B 315 -16.99 -18.46 -9.98
N GLN B 316 -16.65 -18.23 -8.72
CA GLN B 316 -15.27 -18.22 -8.27
C GLN B 316 -14.89 -19.68 -8.02
N THR B 317 -13.91 -20.19 -8.77
CA THR B 317 -13.47 -21.57 -8.56
C THR B 317 -12.46 -21.63 -7.43
N GLU B 318 -11.68 -20.54 -7.20
CA GLU B 318 -10.69 -20.43 -6.13
C GLU B 318 -11.32 -20.52 -4.73
N LYS B 319 -10.61 -21.18 -3.80
CA LYS B 319 -11.05 -21.40 -2.43
C LYS B 319 -11.04 -20.10 -1.61
N ILE B 320 -12.04 -19.24 -1.86
CA ILE B 320 -12.19 -17.98 -1.15
C ILE B 320 -13.50 -18.02 -0.35
N VAL B 321 -13.39 -17.92 0.97
CA VAL B 321 -14.55 -17.89 1.87
C VAL B 321 -14.70 -16.44 2.31
N GLY B 322 -15.88 -15.88 2.05
CA GLY B 322 -16.16 -14.49 2.39
C GLY B 322 -17.01 -14.28 3.62
N HIS B 323 -16.87 -13.08 4.21
CA HIS B 323 -17.63 -12.64 5.36
C HIS B 323 -17.68 -11.11 5.33
N ILE B 324 -18.89 -10.54 5.09
CA ILE B 324 -19.11 -9.09 5.02
C ILE B 324 -20.11 -8.69 6.11
N SER B 325 -19.65 -7.98 7.15
CA SER B 325 -20.52 -7.53 8.24
C SER B 325 -19.91 -6.37 9.04
N ARG B 326 -20.71 -5.85 10.01
CA ARG B 326 -20.25 -4.90 11.02
C ARG B 326 -19.44 -5.83 11.93
N MET B 327 -18.23 -5.41 12.35
CA MET B 327 -17.40 -6.29 13.19
C MET B 327 -17.79 -6.10 14.65
N VAL B 328 -18.89 -6.77 15.05
CA VAL B 328 -19.47 -6.65 16.38
C VAL B 328 -19.58 -8.00 17.11
N PRO B 329 -19.65 -8.00 18.46
CA PRO B 329 -19.72 -9.28 19.20
C PRO B 329 -20.74 -10.32 18.75
N THR B 330 -21.96 -9.90 18.38
CA THR B 330 -23.02 -10.87 18.01
C THR B 330 -22.72 -11.69 16.75
N LYS B 331 -21.83 -11.17 15.88
CA LYS B 331 -21.40 -11.82 14.64
C LYS B 331 -20.44 -12.98 14.93
N ARG B 332 -19.90 -13.05 16.16
CA ARG B 332 -18.98 -14.10 16.62
C ARG B 332 -17.90 -14.44 15.61
N ILE B 333 -17.16 -13.41 15.16
CA ILE B 333 -16.06 -13.54 14.21
C ILE B 333 -14.91 -14.34 14.86
N ASP B 334 -14.90 -14.40 16.21
CA ASP B 334 -13.96 -15.20 17.00
C ASP B 334 -14.20 -16.67 16.69
N LEU B 335 -15.49 -17.07 16.51
CA LEU B 335 -15.87 -18.44 16.13
C LEU B 335 -15.50 -18.73 14.69
N LEU B 336 -15.55 -17.69 13.82
CA LEU B 336 -15.14 -17.76 12.43
C LEU B 336 -13.62 -17.99 12.34
N ILE B 337 -12.82 -17.29 13.20
CA ILE B 337 -11.36 -17.49 13.26
C ILE B 337 -11.06 -18.92 13.72
N GLU B 338 -11.81 -19.43 14.73
CA GLU B 338 -11.68 -20.80 15.23
C GLU B 338 -12.02 -21.80 14.14
N VAL B 339 -13.02 -21.48 13.29
CA VAL B 339 -13.43 -22.32 12.16
C VAL B 339 -12.34 -22.30 11.08
N ALA B 340 -11.79 -21.09 10.78
CA ALA B 340 -10.71 -20.87 9.81
C ALA B 340 -9.50 -21.74 10.14
N GLU B 341 -9.11 -21.79 11.43
CA GLU B 341 -8.01 -22.61 11.96
C GLU B 341 -8.20 -24.10 11.60
N LEU B 342 -9.43 -24.63 11.75
CA LEU B 342 -9.78 -26.03 11.45
C LEU B 342 -9.75 -26.31 9.95
N VAL B 343 -10.31 -25.39 9.13
CA VAL B 343 -10.36 -25.50 7.67
C VAL B 343 -8.93 -25.46 7.09
N VAL B 344 -8.12 -24.47 7.54
CA VAL B 344 -6.72 -24.27 7.11
C VAL B 344 -5.83 -25.45 7.51
N LYS B 345 -6.11 -26.09 8.66
CA LYS B 345 -5.38 -27.26 9.16
C LYS B 345 -5.51 -28.46 8.23
N LYS B 346 -6.68 -28.59 7.54
CA LYS B 346 -6.96 -29.70 6.62
C LYS B 346 -6.71 -29.33 5.15
N ASP B 347 -6.69 -28.02 4.84
CA ASP B 347 -6.46 -27.48 3.49
C ASP B 347 -5.90 -26.06 3.63
N ASN B 348 -4.59 -25.91 3.39
CA ASN B 348 -3.86 -24.65 3.52
C ASN B 348 -4.08 -23.65 2.36
N ALA B 349 -4.80 -24.06 1.31
CA ALA B 349 -5.06 -23.24 0.12
C ALA B 349 -6.24 -22.29 0.28
N VAL B 350 -7.19 -22.63 1.17
CA VAL B 350 -8.40 -21.84 1.43
C VAL B 350 -8.14 -20.49 2.12
N LYS B 351 -8.64 -19.41 1.50
CA LYS B 351 -8.51 -18.04 1.97
C LYS B 351 -9.82 -17.56 2.60
N PHE B 352 -9.71 -16.75 3.66
CA PHE B 352 -10.86 -16.16 4.35
C PHE B 352 -10.73 -14.65 4.26
N HIS B 353 -11.69 -14.00 3.55
CA HIS B 353 -11.74 -12.54 3.35
C HIS B 353 -12.83 -11.97 4.25
N ILE B 354 -12.41 -11.20 5.27
CA ILE B 354 -13.33 -10.61 6.23
C ILE B 354 -13.41 -9.10 6.04
N TYR B 355 -14.58 -8.60 5.59
CA TYR B 355 -14.82 -7.19 5.36
C TYR B 355 -15.63 -6.55 6.47
N GLY B 356 -15.37 -5.28 6.71
CA GLY B 356 -16.08 -4.47 7.70
C GLY B 356 -15.17 -3.86 8.74
N GLU B 357 -15.77 -3.09 9.66
CA GLU B 357 -15.08 -2.42 10.77
C GLU B 357 -15.96 -2.52 11.99
N GLY B 358 -15.36 -2.40 13.18
CA GLY B 358 -16.11 -2.45 14.42
C GLY B 358 -15.26 -2.72 15.65
N SER B 359 -15.91 -2.70 16.82
CA SER B 359 -15.28 -2.86 18.14
C SER B 359 -14.34 -4.06 18.34
N VAL B 360 -14.66 -5.23 17.70
CA VAL B 360 -13.87 -6.46 17.81
C VAL B 360 -12.73 -6.62 16.79
N LYS B 361 -12.63 -5.73 15.78
CA LYS B 361 -11.60 -5.82 14.71
C LYS B 361 -10.18 -6.08 15.22
N ASP B 362 -9.73 -5.33 16.25
CA ASP B 362 -8.39 -5.47 16.83
C ASP B 362 -8.15 -6.84 17.49
N LYS B 363 -9.14 -7.33 18.29
CA LYS B 363 -9.06 -8.64 18.95
C LYS B 363 -9.00 -9.75 17.90
N ILE B 364 -9.75 -9.58 16.78
CA ILE B 364 -9.81 -10.51 15.65
C ILE B 364 -8.46 -10.52 14.89
N ALA B 365 -7.81 -9.35 14.72
CA ALA B 365 -6.49 -9.21 14.09
C ALA B 365 -5.43 -9.97 14.91
N LYS B 366 -5.47 -9.79 16.25
CA LYS B 366 -4.54 -10.44 17.17
C LYS B 366 -4.83 -11.91 17.33
N MET B 367 -6.07 -12.34 17.05
CA MET B 367 -6.48 -13.75 17.09
C MET B 367 -5.87 -14.55 15.94
N ILE B 368 -5.70 -13.93 14.76
CA ILE B 368 -5.11 -14.60 13.60
C ILE B 368 -3.62 -14.85 13.79
N GLU B 369 -2.93 -13.94 14.55
CA GLU B 369 -1.49 -14.01 14.89
C GLU B 369 -1.20 -15.23 15.78
N ASP B 370 -1.95 -15.34 16.93
CA ASP B 370 -1.83 -16.43 17.91
C ASP B 370 -2.11 -17.80 17.29
N LYS B 371 -2.83 -17.80 16.15
CA LYS B 371 -3.22 -19.02 15.43
C LYS B 371 -2.44 -19.21 14.11
N ASN B 372 -1.58 -18.22 13.74
CA ASN B 372 -0.75 -18.17 12.53
C ASN B 372 -1.56 -18.36 11.23
N LEU B 373 -2.58 -17.49 11.07
CA LEU B 373 -3.46 -17.50 9.91
C LEU B 373 -3.27 -16.23 9.06
N GLU B 374 -2.07 -15.61 9.15
CA GLU B 374 -1.70 -14.37 8.45
C GLU B 374 -1.76 -14.49 6.92
N ARG B 375 -1.45 -15.67 6.36
CA ARG B 375 -1.48 -15.90 4.91
C ARG B 375 -2.72 -16.68 4.46
N ASN B 376 -3.78 -16.68 5.31
CA ASN B 376 -5.05 -17.37 5.04
C ASN B 376 -6.27 -16.53 5.41
N VAL B 377 -6.22 -15.81 6.55
CA VAL B 377 -7.33 -14.96 7.03
C VAL B 377 -6.95 -13.48 6.88
N PHE B 378 -7.75 -12.72 6.12
CA PHE B 378 -7.46 -11.32 5.88
C PHE B 378 -8.57 -10.37 6.27
N LEU B 379 -8.20 -9.35 7.06
CA LEU B 379 -9.10 -8.30 7.51
C LEU B 379 -8.99 -7.18 6.47
N LYS B 380 -9.88 -7.24 5.47
CA LYS B 380 -9.91 -6.38 4.28
C LYS B 380 -10.58 -5.00 4.44
N GLY B 381 -11.00 -4.65 5.65
CA GLY B 381 -11.64 -3.37 5.92
C GLY B 381 -13.06 -3.23 5.36
N TYR B 382 -13.69 -2.07 5.57
CA TYR B 382 -15.05 -1.82 5.09
C TYR B 382 -15.11 -1.76 3.56
N THR B 383 -16.19 -2.32 2.98
CA THR B 383 -16.42 -2.29 1.54
C THR B 383 -17.70 -1.51 1.20
N THR B 384 -17.58 -0.52 0.29
CA THR B 384 -18.70 0.28 -0.20
C THR B 384 -19.32 -0.42 -1.41
N THR B 385 -18.62 -1.47 -1.91
CA THR B 385 -19.02 -2.32 -3.04
C THR B 385 -19.10 -3.81 -2.59
N PRO B 386 -20.02 -4.22 -1.67
CA PRO B 386 -20.06 -5.63 -1.26
C PRO B 386 -20.39 -6.60 -2.41
N GLN B 387 -21.23 -6.16 -3.37
CA GLN B 387 -21.64 -6.95 -4.54
C GLN B 387 -20.44 -7.39 -5.40
N LYS B 388 -19.42 -6.50 -5.54
CA LYS B 388 -18.19 -6.77 -6.29
C LYS B 388 -17.32 -7.74 -5.53
N CYS B 389 -17.25 -7.59 -4.17
CA CYS B 389 -16.50 -8.49 -3.29
C CYS B 389 -17.09 -9.89 -3.33
N LEU B 390 -18.44 -9.99 -3.46
CA LEU B 390 -19.18 -11.25 -3.52
C LEU B 390 -18.80 -12.13 -4.71
N GLU B 391 -18.39 -11.51 -5.82
CA GLU B 391 -17.94 -12.18 -7.05
C GLU B 391 -16.64 -12.97 -6.79
N ASP B 392 -15.77 -12.43 -5.91
CA ASP B 392 -14.50 -13.03 -5.53
C ASP B 392 -14.64 -14.23 -4.59
N PHE B 393 -15.82 -14.43 -3.96
CA PHE B 393 -15.99 -15.54 -3.02
C PHE B 393 -16.61 -16.77 -3.66
N LYS B 394 -16.19 -17.96 -3.22
CA LYS B 394 -16.74 -19.23 -3.69
C LYS B 394 -18.00 -19.52 -2.84
N LEU B 395 -17.92 -19.19 -1.54
CA LEU B 395 -19.01 -19.32 -0.58
C LEU B 395 -18.87 -18.28 0.50
N VAL B 396 -19.95 -18.14 1.29
CA VAL B 396 -20.03 -17.19 2.39
C VAL B 396 -20.33 -17.96 3.68
N VAL B 397 -19.85 -17.41 4.80
CA VAL B 397 -20.02 -18.04 6.09
C VAL B 397 -20.68 -17.09 7.10
N SER B 398 -21.50 -17.67 8.01
CA SER B 398 -22.14 -16.93 9.11
C SER B 398 -22.01 -17.69 10.41
N THR B 399 -21.30 -17.10 11.38
CA THR B 399 -21.12 -17.64 12.73
C THR B 399 -21.97 -16.82 13.70
N SER B 400 -22.77 -15.87 13.16
CA SER B 400 -23.64 -14.97 13.94
C SER B 400 -24.57 -15.75 14.87
N GLN B 401 -24.73 -15.27 16.11
CA GLN B 401 -25.59 -15.94 17.10
C GLN B 401 -26.99 -15.36 17.18
N TYR B 402 -27.15 -14.12 16.71
CA TYR B 402 -28.42 -13.41 16.76
C TYR B 402 -28.60 -12.56 15.52
N GLU B 403 -29.74 -12.73 14.82
CA GLU B 403 -30.09 -11.89 13.67
C GLU B 403 -31.55 -11.55 13.74
N GLY B 404 -31.94 -10.52 13.01
CA GLY B 404 -33.34 -10.16 12.76
C GLY B 404 -33.74 -10.92 11.51
N GLN B 405 -32.83 -10.96 10.52
CA GLN B 405 -32.98 -11.64 9.22
C GLN B 405 -31.62 -12.03 8.61
N GLY B 406 -30.76 -11.03 8.36
CA GLY B 406 -29.43 -11.26 7.82
C GLY B 406 -29.32 -10.99 6.34
N LEU B 407 -29.19 -9.70 6.00
CA LEU B 407 -29.09 -9.21 4.62
C LEU B 407 -27.82 -9.66 3.92
N SER B 408 -26.68 -9.78 4.60
CA SER B 408 -25.41 -10.23 3.99
C SER B 408 -25.52 -11.66 3.46
N MET B 409 -26.17 -12.55 4.24
CA MET B 409 -26.43 -13.94 3.83
C MET B 409 -27.33 -13.95 2.58
N ILE B 410 -28.45 -13.18 2.58
CA ILE B 410 -29.37 -13.05 1.46
C ILE B 410 -28.64 -12.42 0.24
N GLU B 411 -27.80 -11.39 0.47
CA GLU B 411 -27.03 -10.74 -0.61
C GLU B 411 -26.12 -11.74 -1.28
N ALA B 412 -25.42 -12.59 -0.49
CA ALA B 412 -24.53 -13.65 -1.01
C ALA B 412 -25.29 -14.62 -1.86
N MET B 413 -26.50 -14.99 -1.42
CA MET B 413 -27.37 -15.94 -2.14
C MET B 413 -27.81 -15.37 -3.48
N ILE B 414 -28.11 -14.04 -3.50
CA ILE B 414 -28.46 -13.31 -4.74
C ILE B 414 -27.28 -13.39 -5.75
N SER B 415 -26.02 -13.24 -5.28
CA SER B 415 -24.82 -13.33 -6.12
C SER B 415 -24.37 -14.78 -6.38
N LYS B 416 -25.28 -15.75 -6.17
CA LYS B 416 -25.06 -17.19 -6.34
C LYS B 416 -23.89 -17.72 -5.50
N ARG B 417 -23.69 -17.14 -4.30
CA ARG B 417 -22.66 -17.53 -3.35
C ARG B 417 -23.34 -18.23 -2.16
N PRO B 418 -23.21 -19.57 -2.07
CA PRO B 418 -23.92 -20.30 -1.00
C PRO B 418 -23.43 -19.97 0.40
N VAL B 419 -24.33 -20.08 1.36
CA VAL B 419 -24.04 -19.76 2.76
C VAL B 419 -23.95 -21.03 3.61
N VAL B 420 -22.95 -21.04 4.51
CA VAL B 420 -22.73 -22.02 5.57
C VAL B 420 -22.95 -21.17 6.87
N ALA B 421 -24.11 -21.39 7.52
CA ALA B 421 -24.53 -20.58 8.66
C ALA B 421 -24.98 -21.39 9.85
N PHE B 422 -24.77 -20.84 11.07
CA PHE B 422 -25.28 -21.46 12.28
C PHE B 422 -26.80 -21.27 12.24
N ASP B 423 -27.58 -22.33 12.50
CA ASP B 423 -29.05 -22.29 12.49
C ASP B 423 -29.50 -21.56 13.78
N ILE B 424 -29.68 -20.23 13.69
CA ILE B 424 -30.01 -19.39 14.85
C ILE B 424 -31.30 -18.58 14.60
N LYS B 425 -31.84 -17.98 15.69
CA LYS B 425 -32.99 -17.09 15.59
C LYS B 425 -32.45 -15.66 15.33
N TYR B 426 -32.88 -14.98 14.24
CA TYR B 426 -33.84 -15.40 13.23
C TYR B 426 -33.26 -15.14 11.85
N GLY B 427 -33.75 -15.91 10.87
CA GLY B 427 -33.37 -15.69 9.49
C GLY B 427 -32.85 -16.87 8.71
N PRO B 428 -31.66 -17.44 9.05
CA PRO B 428 -31.07 -18.49 8.18
C PRO B 428 -31.98 -19.61 7.68
N SER B 429 -32.78 -20.24 8.58
CA SER B 429 -33.67 -21.37 8.20
C SER B 429 -34.85 -20.94 7.35
N ASP B 430 -35.12 -19.63 7.23
CA ASP B 430 -36.19 -19.16 6.36
C ASP B 430 -35.76 -19.31 4.91
N PHE B 431 -34.48 -19.03 4.62
CA PHE B 431 -34.04 -19.04 3.23
C PHE B 431 -33.01 -20.08 2.85
N ILE B 432 -32.25 -20.61 3.82
CA ILE B 432 -31.28 -21.66 3.50
C ILE B 432 -32.02 -23.01 3.52
N GLU B 433 -31.89 -23.80 2.43
CA GLU B 433 -32.47 -25.14 2.31
C GLU B 433 -31.27 -26.05 2.39
N ASP B 434 -31.07 -26.62 3.59
CA ASP B 434 -29.93 -27.46 3.93
C ASP B 434 -29.68 -28.53 2.89
N ASN B 435 -28.41 -28.59 2.41
CA ASN B 435 -27.92 -29.54 1.42
C ASN B 435 -28.58 -29.35 0.02
N LYS B 436 -29.22 -28.19 -0.20
CA LYS B 436 -29.85 -27.87 -1.49
C LYS B 436 -29.35 -26.52 -2.04
N ASN B 437 -29.27 -25.50 -1.19
CA ASN B 437 -28.79 -24.18 -1.62
C ASN B 437 -27.70 -23.61 -0.67
N GLY B 438 -27.31 -24.44 0.29
CA GLY B 438 -26.33 -24.13 1.32
C GLY B 438 -26.44 -25.09 2.49
N TYR B 439 -25.82 -24.74 3.63
CA TYR B 439 -25.85 -25.59 4.82
C TYR B 439 -26.23 -24.83 6.08
N LEU B 440 -27.12 -25.44 6.88
CA LEU B 440 -27.57 -24.96 8.19
C LEU B 440 -26.84 -25.80 9.21
N ILE B 441 -25.94 -25.15 9.96
CA ILE B 441 -25.11 -25.83 10.96
C ILE B 441 -25.68 -25.66 12.36
N GLU B 442 -25.68 -26.75 13.15
CA GLU B 442 -26.12 -26.75 14.53
C GLU B 442 -25.28 -25.69 15.25
N ASN B 443 -25.95 -24.75 15.95
CA ASN B 443 -25.27 -23.65 16.62
C ASN B 443 -24.11 -24.10 17.53
N HIS B 444 -22.97 -23.39 17.43
CA HIS B 444 -21.68 -23.61 18.12
C HIS B 444 -20.84 -24.74 17.50
N ASN B 445 -21.46 -25.63 16.68
CA ASN B 445 -20.73 -26.77 16.09
C ASN B 445 -19.72 -26.35 15.04
N ILE B 446 -18.53 -25.91 15.52
CA ILE B 446 -17.42 -25.41 14.70
C ILE B 446 -16.82 -26.48 13.79
N ASN B 447 -16.79 -27.75 14.27
CA ASN B 447 -16.26 -28.90 13.52
C ASN B 447 -17.12 -29.25 12.31
N ASP B 448 -18.47 -29.30 12.49
CA ASP B 448 -19.37 -29.59 11.38
C ASP B 448 -19.38 -28.42 10.39
N MET B 449 -19.19 -27.19 10.88
CA MET B 449 -19.14 -26.02 9.99
C MET B 449 -17.86 -26.03 9.15
N ALA B 450 -16.72 -26.39 9.78
CA ALA B 450 -15.42 -26.52 9.11
C ALA B 450 -15.49 -27.62 8.05
N ASP B 451 -16.19 -28.74 8.36
CA ASP B 451 -16.41 -29.87 7.45
C ASP B 451 -17.21 -29.47 6.22
N LYS B 452 -18.27 -28.68 6.40
CA LYS B 452 -19.14 -28.24 5.29
C LYS B 452 -18.48 -27.22 4.39
N ILE B 453 -17.63 -26.35 4.96
CA ILE B 453 -16.85 -25.36 4.21
C ILE B 453 -15.88 -26.14 3.31
N LEU B 454 -15.18 -27.14 3.88
CA LEU B 454 -14.22 -28.00 3.18
C LEU B 454 -14.84 -28.75 2.01
N GLN B 455 -16.02 -29.39 2.22
CA GLN B 455 -16.77 -30.09 1.16
C GLN B 455 -17.06 -29.09 0.03
N LEU B 456 -17.62 -27.91 0.39
CA LEU B 456 -18.01 -26.86 -0.54
C LEU B 456 -16.85 -26.20 -1.31
N VAL B 457 -15.75 -25.79 -0.62
CA VAL B 457 -14.57 -25.17 -1.29
C VAL B 457 -13.86 -26.11 -2.27
N ASN B 458 -13.94 -27.44 -2.02
CA ASN B 458 -13.29 -28.48 -2.82
C ASN B 458 -14.20 -29.19 -3.82
N ASN B 459 -15.38 -28.63 -4.09
CA ASN B 459 -16.34 -29.19 -5.04
C ASN B 459 -16.96 -28.05 -5.85
N ASP B 460 -16.39 -27.80 -7.05
CA ASP B 460 -16.79 -26.72 -7.96
C ASP B 460 -18.24 -26.81 -8.43
N VAL B 461 -18.67 -28.03 -8.85
CA VAL B 461 -20.04 -28.30 -9.32
C VAL B 461 -21.10 -28.11 -8.22
N LEU B 462 -20.81 -28.56 -6.98
CA LEU B 462 -21.73 -28.44 -5.85
C LEU B 462 -21.85 -26.98 -5.42
N ALA B 463 -20.73 -26.22 -5.40
CA ALA B 463 -20.70 -24.80 -5.04
C ALA B 463 -21.52 -23.95 -6.02
N ALA B 464 -21.47 -24.30 -7.32
CA ALA B 464 -22.21 -23.63 -8.39
C ALA B 464 -23.70 -23.98 -8.36
N GLU B 465 -24.03 -25.25 -8.07
CA GLU B 465 -25.38 -25.80 -7.99
C GLU B 465 -26.13 -25.17 -6.81
N PHE B 466 -25.46 -25.09 -5.64
CA PHE B 466 -26.00 -24.53 -4.40
C PHE B 466 -26.30 -23.05 -4.61
N GLY B 467 -25.35 -22.33 -5.17
CA GLY B 467 -25.46 -20.91 -5.47
C GLY B 467 -26.61 -20.59 -6.43
N SER B 468 -26.74 -21.39 -7.49
CA SER B 468 -27.80 -21.24 -8.50
C SER B 468 -29.20 -21.41 -7.86
N LYS B 469 -29.37 -22.45 -7.02
CA LYS B 469 -30.61 -22.72 -6.30
C LYS B 469 -30.88 -21.62 -5.27
N ALA B 470 -29.82 -21.09 -4.64
CA ALA B 470 -29.89 -20.03 -3.65
C ALA B 470 -30.55 -18.75 -4.19
N ARG B 471 -30.07 -18.24 -5.38
CA ARG B 471 -30.63 -17.02 -6.03
C ARG B 471 -32.10 -17.25 -6.39
N GLU B 472 -32.39 -18.43 -6.97
CA GLU B 472 -33.72 -18.90 -7.33
C GLU B 472 -34.66 -18.88 -6.12
N ASN B 473 -34.17 -19.34 -4.92
CA ASN B 473 -34.95 -19.36 -3.68
C ASN B 473 -35.26 -17.97 -3.19
N ILE B 474 -34.32 -17.03 -3.34
CA ILE B 474 -34.53 -15.64 -2.89
C ILE B 474 -35.56 -14.95 -3.79
N ILE B 475 -35.40 -15.09 -5.11
CA ILE B 475 -36.32 -14.53 -6.11
C ILE B 475 -37.74 -15.02 -5.82
N GLU B 476 -37.90 -16.35 -5.62
CA GLU B 476 -39.20 -16.93 -5.35
C GLU B 476 -39.87 -16.48 -4.05
N LYS B 477 -39.12 -16.39 -2.96
CA LYS B 477 -39.73 -16.12 -1.67
C LYS B 477 -39.73 -14.71 -1.17
N TYR B 478 -39.00 -13.79 -1.84
CA TYR B 478 -38.90 -12.39 -1.39
C TYR B 478 -39.27 -11.38 -2.48
N SER B 479 -40.40 -11.61 -3.16
CA SER B 479 -40.82 -10.69 -4.21
C SER B 479 -41.14 -9.31 -3.64
N THR B 480 -40.69 -8.27 -4.35
CA THR B 480 -40.88 -6.88 -4.00
C THR B 480 -42.39 -6.61 -3.91
N GLU B 481 -43.17 -7.25 -4.83
CA GLU B 481 -44.62 -7.10 -4.92
C GLU B 481 -45.32 -7.55 -3.67
N SER B 482 -45.01 -8.76 -3.17
CA SER B 482 -45.67 -9.26 -1.97
C SER B 482 -45.31 -8.40 -0.73
N ILE B 483 -44.05 -7.94 -0.61
CA ILE B 483 -43.56 -7.13 0.51
C ILE B 483 -44.23 -5.77 0.49
N LEU B 484 -44.28 -5.11 -0.70
CA LEU B 484 -44.96 -3.83 -0.86
C LEU B 484 -46.46 -3.98 -0.56
N GLU B 485 -47.10 -5.04 -1.02
CA GLU B 485 -48.52 -5.26 -0.72
C GLU B 485 -48.78 -5.47 0.79
N LYS B 486 -47.83 -6.09 1.50
CA LYS B 486 -47.90 -6.27 2.96
C LYS B 486 -47.91 -4.92 3.69
N TRP B 487 -47.06 -3.99 3.25
CA TRP B 487 -46.99 -2.63 3.80
C TRP B 487 -48.27 -1.87 3.47
N LEU B 488 -48.74 -1.92 2.20
CA LEU B 488 -49.95 -1.27 1.71
C LEU B 488 -51.22 -1.74 2.43
N ASN B 489 -51.28 -3.02 2.76
CA ASN B 489 -52.37 -3.64 3.53
C ASN B 489 -52.55 -2.91 4.91
N LEU B 490 -51.41 -2.58 5.59
CA LEU B 490 -51.40 -1.83 6.85
C LEU B 490 -51.75 -0.37 6.67
N PHE B 491 -51.12 0.31 5.69
CA PHE B 491 -51.35 1.72 5.42
C PHE B 491 -52.80 2.03 5.01
N ASN B 492 -53.53 1.04 4.45
CA ASN B 492 -54.91 1.18 3.96
C ASN B 492 -56.03 0.68 4.88
N SER B 493 -55.70 -0.04 5.98
CA SER B 493 -56.69 -0.56 6.93
C SER B 493 -57.38 0.55 7.73
C1 ZDO C . 32.78 7.44 -29.51
C1M ZDO C . 33.66 9.46 -30.43
C2 ZDO C . 31.47 6.76 -29.03
C3 ZDO C . 31.21 7.08 -27.57
C4 ZDO C . 32.41 6.79 -26.64
C5 ZDO C . 33.72 7.42 -27.24
C6 ZDO C . 34.98 6.99 -26.48
O1 ZDO C . 32.62 8.87 -29.63
N2 ZDO C . 30.32 7.16 -29.84
S2 ZDO C . 29.99 6.03 -31.14
OSA ZDO C . 31.28 5.82 -31.94
OSB ZDO C . 28.87 6.66 -31.98
OSC ZDO C . 29.51 4.69 -30.57
O3 ZDO C . 30.04 6.37 -27.17
O4 ZDO C . 32.10 7.41 -25.37
O5 ZDO C . 33.88 7.03 -28.64
O6 ZDO C . 36.16 7.45 -27.15
S6 ZDO C . 36.79 8.84 -26.93
OS1 ZDO C . 37.71 9.16 -28.13
OS2 ZDO C . 37.64 8.81 -25.66
OS3 ZDO C . 35.72 9.94 -26.81
C1 IDS C . 32.34 6.63 -24.19
C2 IDS C . 32.21 7.56 -22.96
C3 IDS C . 30.70 7.77 -22.54
C4 IDS C . 29.90 6.46 -22.53
C5 IDS C . 30.11 5.68 -23.85
C6 IDS C . 29.36 4.34 -23.86
O2 IDS C . 33.01 7.04 -21.86
O3 IDS C . 30.03 8.71 -23.39
O4 IDS C . 30.33 5.64 -21.45
O5 IDS C . 31.54 5.43 -24.01
O6A IDS C . 30.06 3.30 -23.91
O6B IDS C . 28.10 4.38 -23.81
S IDS C . 34.46 7.49 -21.61
O1S IDS C . 35.31 7.52 -22.88
O2S IDS C . 34.41 8.88 -20.99
O3S IDS C . 35.12 6.51 -20.65
N2 SUS C . 31.79 5.79 -19.07
C1 SUS C . 29.62 5.96 -20.23
S1 SUS C . 31.97 7.04 -17.85
C2 SUS C . 30.39 5.32 -19.09
S2 SUS C . 24.76 3.69 -18.72
C3 SUS C . 30.32 3.77 -19.20
O3 SUS C . 30.96 3.15 -18.06
S3 SUS C . 32.23 2.34 -18.28
C4 SUS C . 28.88 3.25 -19.34
O4 SUS C . 29.01 1.89 -19.68
C5 SUS C . 28.13 4.04 -20.48
O5 SUS C . 28.25 5.48 -20.23
C6 SUS C . 26.63 3.80 -20.51
O6 SUS C . 26.11 4.16 -19.24
O1S SUS C . 31.77 6.41 -16.46
O2S SUS C . 33.35 7.63 -18.02
O3S SUS C . 30.91 8.13 -18.04
O4S SUS C . 24.66 4.07 -17.24
O5S SUS C . 23.67 4.38 -19.55
O6S SUS C . 24.65 2.17 -18.87
O7S SUS C . 31.90 1.26 -19.30
O8S SUS C . 32.70 1.68 -17.00
O9S SUS C . 33.34 3.23 -18.84
C1 BDP C . 28.02 1.12 -18.98
C2 BDP C . 27.54 -0.02 -19.93
C3 BDP C . 26.56 -0.94 -19.19
C4 BDP C . 27.12 -1.36 -17.78
C5 BDP C . 27.58 -0.10 -17.00
C6 BDP C . 28.18 -0.43 -15.60
O2 BDP C . 26.89 0.55 -21.06
O3 BDP C . 26.31 -2.10 -20.01
O4 BDP C . 26.03 -1.96 -17.05
O5 BDP C . 28.59 0.61 -17.77
O6A BDP C . 29.29 -0.99 -15.57
O6B BDP C . 27.51 -0.04 -14.60
C1 SGN C . 26.24 -3.37 -16.80
C2 SGN C . 24.87 -4.10 -16.92
C3 SGN C . 23.88 -3.67 -15.79
C4 SGN C . 24.54 -3.70 -14.40
C5 SGN C . 25.93 -3.00 -14.41
C6 SGN C . 26.62 -3.08 -13.05
N2 SGN C . 24.29 -3.87 -18.25
O3 SGN C . 22.74 -4.55 -15.77
O4 SGN C . 23.69 -3.07 -13.42
O5 SGN C . 26.80 -3.55 -15.46
O6 SGN C . 26.77 -4.47 -12.73
S1 SGN C . 24.45 -5.26 -19.27
O1S SGN C . 23.63 -6.41 -18.70
O2S SGN C . 25.93 -5.69 -19.37
O3S SGN C . 23.93 -4.86 -20.66
S2 SGN C . 26.17 -5.03 -11.45
O4S SGN C . 26.30 -6.56 -11.55
O5S SGN C . 24.70 -4.66 -11.27
O6S SGN C . 27.00 -4.47 -10.31
C1 ZDO D . -31.16 9.05 31.45
C1M ZDO D . -31.44 11.02 32.74
C2 ZDO D . -30.09 8.15 30.78
C3 ZDO D . -29.73 8.73 29.41
C4 ZDO D . -30.98 8.98 28.50
C5 ZDO D . -32.18 9.65 29.27
C6 ZDO D . -33.49 9.45 28.47
O1 ZDO D . -30.62 10.36 31.77
N2 ZDO D . -28.88 7.97 31.61
S2 ZDO D . -29.08 6.66 32.79
OSA ZDO D . -29.86 7.22 33.98
OSB ZDO D . -27.68 6.20 33.23
OSC ZDO D . -29.84 5.47 32.19
O3 ZDO D . -28.76 7.87 28.75
O4 ZDO D . -30.55 9.84 27.43
O5 ZDO D . -32.37 9.05 30.61
O6 ZDO D . -34.64 9.83 29.23
S6 ZDO D . -35.25 11.25 29.18
OS1 ZDO D . -35.38 11.71 27.72
OS2 ZDO D . -34.37 12.22 29.97
OS3 ZDO D . -36.65 11.22 29.80
C1 IDS D . -30.84 9.37 26.12
C2 IDS D . -30.61 10.53 25.12
C3 IDS D . -29.13 10.65 24.68
C4 IDS D . -28.46 9.30 24.36
C5 IDS D . -28.67 8.28 25.51
C6 IDS D . -28.06 6.91 25.18
O2 IDS D . -31.47 10.39 23.96
O3 IDS D . -28.34 11.29 25.68
O4 IDS D . -29.02 8.78 23.16
O5 IDS D . -30.10 8.13 25.74
O6A IDS D . -28.86 5.98 24.92
O6B IDS D . -26.80 6.82 25.18
S IDS D . -32.84 11.10 23.83
O1S IDS D . -33.75 10.90 25.04
O2S IDS D . -32.61 12.58 23.65
O3S IDS D . -33.53 10.52 22.60
N2 SUS D . -30.40 9.61 20.90
C1 SUS D . -28.26 9.18 21.99
S1 SUS D . -30.44 11.09 19.94
C2 SUS D . -29.11 8.92 20.74
S2 SUS D . -23.74 6.78 19.97
C3 SUS D . -29.29 7.41 20.54
O3 SUS D . -30.01 7.13 19.32
S3 SUS D . -31.37 6.44 19.43
C4 SUS D . -27.96 6.64 20.53
O4 SUS D . -28.31 5.26 20.55
C5 SUS D . -27.11 7.01 21.80
O5 SUS D . -27.00 8.46 21.88
C6 SUS D . -25.65 6.59 21.67
O6 SUS D . -25.09 7.21 20.52
O1S SUS D . -30.40 10.67 18.48
O2S SUS D . -31.74 11.80 20.27
O3S SUS D . -29.24 11.99 20.27
O4S SUS D . -22.65 7.42 20.85
O5S SUS D . -23.60 5.26 20.01
O6S SUS D . -23.58 7.26 18.54
O7S SUS D . -31.17 5.11 20.13
O8S SUS D . -31.97 6.22 18.05
O9S SUS D . -32.32 7.29 20.28
C1 BDP D . -27.40 4.51 19.76
C2 BDP D . -27.15 3.11 20.41
C3 BDP D . -26.22 2.34 19.48
C4 BDP D . -26.80 2.29 18.02
C5 BDP D . -27.07 3.75 17.53
C6 BDP D . -27.72 3.81 16.13
O2 BDP D . -26.48 3.30 21.64
O3 BDP D . -26.00 1.04 19.99
O4 BDP D . -25.80 1.73 17.21
O5 BDP D . -27.96 4.41 18.45
O6A BDP D . -28.91 3.40 16.01
O6B BDP D . -27.04 4.37 15.24
C1 SGN D . -26.27 0.45 16.66
C2 SGN D . -25.06 -0.53 16.61
C3 SGN D . -23.98 -0.07 15.58
C4 SGN D . -24.63 0.28 14.21
C5 SGN D . -25.84 1.24 14.41
C6 SGN D . -26.51 1.62 13.11
N2 SGN D . -24.50 -0.66 17.97
O3 SGN D . -23.03 -1.13 15.41
O4 SGN D . -23.67 0.88 13.31
O5 SGN D . -26.82 0.66 15.34
O6 SGN D . -27.12 0.46 12.52
S1 SGN D . -25.01 -2.09 18.71
O1S SGN D . -24.57 -2.07 20.17
O2S SGN D . -24.37 -3.27 17.96
O3S SGN D . -26.56 -2.22 18.67
S2 SGN D . -26.60 -0.04 11.18
O4S SGN D . -27.23 0.82 10.09
O5S SGN D . -27.02 -1.52 11.09
O6S SGN D . -25.10 0.05 11.08
N1 UDP E . 20.91 -9.42 -5.83
C2 UDP E . 20.29 -8.93 -4.69
N3 UDP E . 18.93 -8.74 -4.80
C4 UDP E . 18.16 -8.94 -5.92
C5 UDP E . 18.88 -9.40 -7.08
C6 UDP E . 20.20 -9.61 -7.00
O2 UDP E . 20.89 -8.69 -3.65
O4 UDP E . 16.93 -8.76 -5.85
C1' UDP E . 22.33 -9.82 -5.67
C2' UDP E . 22.53 -11.29 -5.32
O2' UDP E . 22.44 -11.49 -3.92
C3' UDP E . 23.94 -11.55 -5.85
C4' UDP E . 24.02 -10.65 -7.07
O4' UDP E . 22.99 -9.63 -6.91
O3' UDP E . 25.01 -11.33 -4.92
C5' UDP E . 23.86 -11.35 -8.39
O5' UDP E . 25.08 -12.07 -8.63
PA UDP E . 25.36 -13.07 -9.85
O1A UDP E . 26.81 -13.34 -9.93
O2A UDP E . 24.55 -14.36 -9.62
O3A UDP E . 24.86 -12.37 -11.17
PB UDP E . 25.15 -10.94 -11.83
O1B UDP E . 26.58 -10.53 -11.57
O2B UDP E . 24.21 -9.88 -11.22
O3B UDP E . 24.95 -11.03 -13.32
O3A 3YW F . 28.61 -6.78 -16.93
C4A 3YW F . 28.65 -8.40 -13.56
C5A 3YW F . 28.18 -8.06 -14.94
O5 3YW F . 30.08 -10.65 -12.02
C6A 3YW F . 29.13 -7.14 -15.67
C5 3YW F . 29.73 -11.54 -10.96
C6 3YW F . 30.70 -11.27 -9.83
C4 3YW F . 29.76 -12.98 -11.49
O6 3YW F . 32.05 -11.48 -10.24
C3 3YW F . 28.65 -13.12 -12.53
O4 3YW F . 29.53 -13.90 -10.44
O3 3YW F . 28.62 -14.43 -13.09
O7 3YW F . 28.29 -12.82 -16.25
C7 3YW F . 27.34 -12.41 -15.59
C8 3YW F . 25.94 -12.40 -16.14
N2 3YW F . 27.49 -11.97 -14.34
C2 3YW F . 28.74 -12.05 -13.61
C1 3YW F . 29.20 -10.66 -13.14
O1 3YW F . 28.20 -9.67 -13.09
O2 3YW F . 26.89 -7.43 -14.86
N1 UDP G . -21.99 -3.95 4.72
C2 UDP G . -21.28 -3.39 3.66
N3 UDP G . -19.92 -3.40 3.81
C4 UDP G . -19.20 -3.86 4.90
C5 UDP G . -20.00 -4.37 5.97
C6 UDP G . -21.34 -4.40 5.85
O2 UDP G . -21.84 -2.88 2.70
O4 UDP G . -17.96 -3.83 4.86
C1' UDP G . -23.45 -4.11 4.52
C2' UDP G . -23.84 -5.40 3.81
O2' UDP G . -23.79 -5.25 2.40
C3' UDP G . -25.28 -5.59 4.31
C4' UDP G . -25.24 -5.02 5.72
O4' UDP G . -24.06 -4.17 5.80
O3' UDP G . -26.28 -4.98 3.51
C5' UDP G . -25.19 -6.04 6.83
O5' UDP G . -26.54 -6.52 6.98
PA UDP G . -26.97 -7.69 7.99
O1A UDP G . -26.35 -9.03 7.51
O2A UDP G . -28.45 -7.78 8.02
O3A UDP G . -26.39 -7.34 9.39
PB UDP G . -26.53 -6.03 10.31
O1B UDP G . -26.46 -6.45 11.75
O2B UDP G . -25.42 -5.05 9.98
O3B UDP G . -27.88 -5.39 10.06
O3A 3YW H . -28.73 -2.64 16.41
C4A 3YW H . -29.69 -3.41 12.87
C5A 3YW H . -28.87 -3.37 14.14
O5 3YW H . -31.24 -5.00 10.68
C6A 3YW H . -29.50 -2.53 15.22
C5 3YW H . -31.06 -5.75 9.47
C6 3YW H . -31.98 -5.13 8.46
C4 3YW H . -31.33 -7.23 9.74
O6 3YW H . -33.34 -5.28 8.83
C3 3YW H . -30.24 -7.74 10.67
O4 3YW H . -31.32 -7.98 8.52
O3 3YW H . -30.40 -9.13 10.98
O7 3YW H . -29.94 -8.55 14.18
C7 3YW H . -28.92 -8.00 13.75
C8 3YW H . -27.59 -8.18 14.41
N2 3YW H . -28.95 -7.19 12.68
C2 3YW H . -30.17 -6.89 11.94
C1 3YW H . -30.41 -5.38 11.79
O1 3YW H . -29.34 -4.51 12.01
O2 3YW H . -27.56 -2.88 13.86
#